data_6LBR
#
_entry.id   6LBR
#
_cell.length_a   75.166
_cell.length_b   106.955
_cell.length_c   173.521
_cell.angle_alpha   90.000
_cell.angle_beta   90.000
_cell.angle_gamma   90.000
#
_symmetry.space_group_name_H-M   'P 21 21 21'
#
loop_
_entity.id
_entity.type
_entity.pdbx_description
1 polymer KLLA0F20922p
2 polymer 'Telomere single-strand DNA'
3 water water
#
loop_
_entity_poly.entity_id
_entity_poly.type
_entity_poly.pdbx_seq_one_letter_code
_entity_poly.pdbx_strand_id
1 'polypeptide(L)'
;SQFEQPRTIQEEGSDPFDLKPDSISKAITDRLYHISDGKILGFIPNQYLDPESSLIEDDFLLIYVYTYELPLLSAVFVPE
YNCYEIAITNVAKFFSKIGVRSYPHSIKNSLLELKELIDNNRYDITIYKKEFTIGAAKSSKWALKDVVLRSALPTPKEVT
FTENKFPLVRVSNIVPSASSRYYTVIGLAVTVKYTGGKTLVLSFTDFTANPKVNYGYDSFLGSFQERIPENEHVHALIYL
NRVESLNEKLQSIIKMGLMECADKGNSNITHRSIIFKFTVKCQLFQGKLNTVILDADPITPTTPVTTEEYKLLKPLRNKI
FKRMPSEVIQLYTLTMSRFLPISKNRMSENPQLLQEQAFYDSAGSSEDPKDDSIAKLENQLKREGVDKIEEDAATRPIEL
FGTRNPKTVDIIDIKNNVQMDHKDIKVTAKILSIFDNGNNVTIYLTRSGMVGTQCTIENPFEELLKVQIWGRQNLTLFFG
NPNYSYKREELTACIGSIVDFTLIPRVLRVNEYLYIKIWCPIYATLESLLIHSRLEYDNDTLKYENLSDID
;
A,B
2 'polydeoxyribonucleotide'
;(DA)(DC)(DG)(DG)(DA)(DT)(DT)(DT)(DG)(DA)(DT)(DT)(DA)(DG)(DG)(DT)(DA)(DT)(DG)(DT)
(DG)(DG)(DT)(DG)(DT)
;
C,D
#
# COMPACT_ATOMS: atom_id res chain seq x y z
N GLY A 13 -17.93 28.82 17.79
CA GLY A 13 -17.18 27.88 16.98
C GLY A 13 -15.67 28.08 17.02
N SER A 14 -14.94 27.16 16.40
CA SER A 14 -13.49 27.11 16.51
C SER A 14 -12.84 28.37 15.93
N ASP A 15 -11.53 28.47 16.14
CA ASP A 15 -10.71 29.62 15.80
C ASP A 15 -9.53 29.18 14.96
N PRO A 16 -8.85 30.11 14.27
CA PRO A 16 -7.79 29.69 13.34
C PRO A 16 -6.62 29.05 14.06
N PHE A 17 -5.96 28.15 13.35
CA PHE A 17 -4.72 27.54 13.83
C PHE A 17 -3.76 27.45 12.65
N ASP A 18 -2.47 27.31 12.97
CA ASP A 18 -1.44 27.10 11.97
C ASP A 18 -1.33 25.61 11.69
N LEU A 19 -1.37 25.25 10.42
CA LEU A 19 -1.21 23.85 10.02
C LEU A 19 0.15 23.33 10.46
N LYS A 20 0.16 22.19 11.13
CA LYS A 20 1.37 21.61 11.66
C LYS A 20 1.22 20.10 11.68
N PRO A 21 2.32 19.37 11.55
CA PRO A 21 2.26 17.90 11.62
C PRO A 21 1.50 17.34 12.82
N ASP A 22 1.48 18.00 13.96
CA ASP A 22 0.80 17.50 15.15
C ASP A 22 -0.63 18.03 15.32
N SER A 23 -1.16 18.75 14.34
CA SER A 23 -2.38 19.52 14.52
C SER A 23 -3.63 18.80 14.05
N ILE A 24 -3.56 17.48 13.88
CA ILE A 24 -4.70 16.85 13.24
C ILE A 24 -5.93 16.86 14.14
N SER A 25 -5.74 16.95 15.46
CA SER A 25 -6.88 17.04 16.36
C SER A 25 -7.66 18.32 16.15
N LYS A 26 -7.07 19.32 15.50
CA LYS A 26 -7.74 20.57 15.21
C LYS A 26 -8.29 20.65 13.80
N ALA A 27 -8.03 19.66 12.95
CA ALA A 27 -8.52 19.73 11.58
C ALA A 27 -10.02 19.52 11.54
N ILE A 28 -10.71 20.32 10.74
CA ILE A 28 -12.15 20.18 10.61
C ILE A 28 -12.48 19.07 9.62
N THR A 29 -13.52 18.31 9.91
CA THR A 29 -13.94 17.23 9.03
C THR A 29 -14.22 17.74 7.64
N ASP A 30 -13.54 17.13 6.66
CA ASP A 30 -13.70 17.42 5.25
C ASP A 30 -13.22 18.81 4.87
N ARG A 31 -12.45 19.45 5.74
CA ARG A 31 -11.77 20.68 5.40
C ARG A 31 -10.48 20.35 4.67
N LEU A 32 -10.20 21.10 3.61
CA LEU A 32 -8.94 20.94 2.92
C LEU A 32 -7.90 21.91 3.51
N TYR A 33 -6.72 21.41 3.81
CA TYR A 33 -5.61 22.22 4.27
C TYR A 33 -4.48 22.17 3.24
N HIS A 34 -3.61 23.17 3.29
CA HIS A 34 -2.65 23.37 2.21
C HIS A 34 -1.24 23.45 2.74
N ILE A 35 -0.39 22.51 2.28
CA ILE A 35 1.05 22.60 2.44
C ILE A 35 1.61 23.33 1.22
N SER A 36 2.13 24.54 1.44
CA SER A 36 2.78 25.31 0.37
C SER A 36 4.26 24.99 0.30
N ASP A 37 4.76 24.83 -0.92
CA ASP A 37 6.19 24.71 -1.16
C ASP A 37 6.82 23.60 -0.32
N GLY A 38 6.17 22.44 -0.31
CA GLY A 38 6.64 21.33 0.50
C GLY A 38 7.69 20.52 -0.22
N LYS A 39 8.60 19.93 0.57
CA LYS A 39 9.57 18.96 0.08
C LYS A 39 9.11 17.57 0.49
N ILE A 40 8.77 16.74 -0.48
CA ILE A 40 8.50 15.33 -0.17
C ILE A 40 9.85 14.65 0.09
N LEU A 41 10.06 14.24 1.34
CA LEU A 41 11.36 13.71 1.76
C LEU A 41 11.58 12.31 1.20
N GLY A 42 10.53 11.51 1.16
CA GLY A 42 10.65 10.10 0.91
C GLY A 42 9.28 9.46 1.06
N PHE A 43 9.24 8.13 0.94
CA PHE A 43 7.97 7.44 0.97
C PHE A 43 8.20 6.00 1.38
N ILE A 44 7.10 5.29 1.63
CA ILE A 44 7.09 3.90 2.08
C ILE A 44 5.86 3.29 1.43
N PRO A 45 5.97 2.12 0.76
CA PRO A 45 7.13 1.25 0.53
C PRO A 45 8.20 1.86 -0.35
N ASN A 46 9.43 1.38 -0.21
CA ASN A 46 10.52 1.80 -1.08
C ASN A 46 11.53 0.66 -1.21
N GLN A 47 12.56 0.87 -2.04
CA GLN A 47 13.49 -0.22 -2.33
C GLN A 47 14.22 -0.71 -1.08
N TYR A 48 14.50 0.16 -0.12
CA TYR A 48 15.23 -0.29 1.06
C TYR A 48 14.37 -1.14 2.00
N LEU A 49 13.11 -0.77 2.16
CA LEU A 49 12.29 -1.47 3.15
C LEU A 49 11.54 -2.66 2.56
N ASP A 50 11.03 -2.52 1.34
CA ASP A 50 10.33 -3.61 0.65
C ASP A 50 11.09 -3.87 -0.64
N PRO A 51 12.22 -4.58 -0.59
CA PRO A 51 12.74 -5.18 -1.81
C PRO A 51 11.65 -6.08 -2.41
N GLU A 52 11.78 -6.32 -3.71
CA GLU A 52 10.78 -7.03 -4.51
C GLU A 52 9.58 -6.12 -4.80
N SER A 53 8.55 -6.66 -5.44
CA SER A 53 7.54 -5.84 -6.08
C SER A 53 6.30 -5.66 -5.21
N SER A 54 6.48 -5.57 -3.90
CA SER A 54 5.39 -5.46 -2.93
C SER A 54 4.37 -4.56 -3.62
N LEU A 55 3.18 -5.11 -3.88
CA LEU A 55 2.10 -4.41 -4.58
C LEU A 55 1.67 -3.24 -3.72
N ILE A 56 1.75 -2.04 -4.29
CA ILE A 56 1.39 -0.81 -3.58
C ILE A 56 -0.12 -0.78 -3.40
N GLU A 57 -0.59 -1.00 -2.17
CA GLU A 57 -2.01 -0.95 -1.89
C GLU A 57 -2.44 0.48 -1.54
N ASP A 58 -3.63 0.85 -2.01
CA ASP A 58 -4.21 2.14 -1.67
C ASP A 58 -4.31 2.29 -0.15
N ASP A 59 -3.90 3.45 0.36
CA ASP A 59 -3.80 3.83 1.77
C ASP A 59 -2.51 3.36 2.41
N PHE A 60 -1.76 2.46 1.77
CA PHE A 60 -0.53 1.93 2.33
C PHE A 60 0.71 2.47 1.63
N LEU A 61 0.55 3.37 0.66
CA LEU A 61 1.63 4.24 0.23
C LEU A 61 1.63 5.51 1.08
N LEU A 62 2.73 5.76 1.78
CA LEU A 62 2.85 6.91 2.68
C LEU A 62 4.01 7.78 2.23
N ILE A 63 3.78 9.09 2.16
CA ILE A 63 4.83 10.04 1.82
C ILE A 63 5.13 10.87 3.06
N TYR A 64 6.33 11.47 3.08
CA TYR A 64 6.78 12.28 4.20
C TYR A 64 7.18 13.65 3.68
N VAL A 65 6.59 14.70 4.25
CA VAL A 65 6.68 16.03 3.66
C VAL A 65 7.23 16.99 4.70
N TYR A 66 8.26 17.74 4.32
CA TYR A 66 8.86 18.78 5.13
C TYR A 66 8.45 20.14 4.57
N THR A 67 8.14 21.09 5.45
CA THR A 67 8.03 22.49 5.08
C THR A 67 9.10 23.27 5.83
N TYR A 68 9.60 24.33 5.20
CA TYR A 68 10.84 24.95 5.64
C TYR A 68 10.69 25.84 6.87
N GLU A 69 9.48 25.99 7.39
CA GLU A 69 9.27 26.59 8.71
C GLU A 69 9.58 25.63 9.86
N LEU A 70 9.56 24.33 9.59
CA LEU A 70 9.73 23.30 10.62
C LEU A 70 11.19 23.13 11.02
N PRO A 71 11.44 22.63 12.23
CA PRO A 71 12.82 22.46 12.69
C PRO A 71 13.57 21.37 11.92
N LEU A 72 14.89 21.54 11.83
CA LEU A 72 15.80 20.56 11.26
C LEU A 72 16.72 20.01 12.33
N LEU A 73 16.50 18.76 12.74
CA LEU A 73 17.40 18.12 13.68
C LEU A 73 18.61 17.54 12.95
N SER A 74 18.35 16.74 11.92
CA SER A 74 19.37 15.96 11.25
C SER A 74 18.73 15.31 10.02
N ALA A 75 19.35 14.26 9.52
CA ALA A 75 18.73 13.52 8.42
C ALA A 75 17.65 12.55 8.89
N VAL A 76 17.44 12.42 10.20
CA VAL A 76 16.39 11.57 10.73
C VAL A 76 15.22 12.47 11.08
N PHE A 77 14.13 12.37 10.33
CA PHE A 77 12.95 13.18 10.58
C PHE A 77 11.99 12.44 11.50
N VAL A 78 11.11 13.22 12.12
CA VAL A 78 10.14 12.64 13.07
C VAL A 78 8.73 13.02 12.65
N PRO A 79 7.94 12.06 12.16
CA PRO A 79 6.55 12.35 11.81
C PRO A 79 5.82 12.92 13.01
N GLU A 80 4.85 13.79 12.74
CA GLU A 80 4.06 14.54 13.72
C GLU A 80 4.87 15.60 14.45
N TYR A 81 6.17 15.72 14.19
CA TYR A 81 6.95 16.84 14.72
C TYR A 81 7.49 17.71 13.59
N ASN A 82 8.45 17.23 12.79
CA ASN A 82 9.04 18.05 11.73
C ASN A 82 8.88 17.44 10.35
N CYS A 83 7.84 16.62 10.15
CA CYS A 83 7.38 16.27 8.82
C CYS A 83 6.00 15.66 8.95
N TYR A 84 5.23 15.74 7.86
CA TYR A 84 3.92 15.15 7.79
C TYR A 84 4.02 13.75 7.24
N GLU A 85 3.37 12.80 7.91
CA GLU A 85 3.10 11.51 7.30
C GLU A 85 1.71 11.59 6.68
N ILE A 86 1.63 11.24 5.39
CA ILE A 86 0.45 11.51 4.57
C ILE A 86 0.12 10.26 3.78
N ALA A 87 -1.07 9.73 4.00
CA ALA A 87 -1.51 8.55 3.28
C ALA A 87 -2.00 8.91 1.88
N ILE A 88 -1.60 8.09 0.90
CA ILE A 88 -2.10 8.19 -0.46
C ILE A 88 -3.23 7.18 -0.61
N THR A 89 -4.45 7.67 -0.89
CA THR A 89 -5.62 6.81 -0.90
C THR A 89 -5.94 6.24 -2.26
N ASN A 90 -5.44 6.84 -3.33
CA ASN A 90 -5.64 6.36 -4.68
C ASN A 90 -4.28 6.50 -5.38
N VAL A 91 -3.52 5.43 -5.35
CA VAL A 91 -2.16 5.45 -5.88
C VAL A 91 -2.17 5.78 -7.37
N ALA A 92 -3.02 5.10 -8.14
CA ALA A 92 -3.14 5.37 -9.57
C ALA A 92 -3.25 6.87 -9.85
N LYS A 93 -4.20 7.53 -9.19
CA LYS A 93 -4.45 8.94 -9.44
C LYS A 93 -3.32 9.83 -8.93
N PHE A 94 -2.74 9.50 -7.76
CA PHE A 94 -1.61 10.28 -7.27
C PHE A 94 -0.44 10.23 -8.25
N PHE A 95 -0.11 9.01 -8.70
CA PHE A 95 0.96 8.83 -9.67
C PHE A 95 0.67 9.60 -10.96
N SER A 96 -0.55 9.45 -11.47
CA SER A 96 -0.90 10.14 -12.70
C SER A 96 -0.71 11.64 -12.57
N LYS A 97 -1.21 12.22 -11.47
CA LYS A 97 -1.11 13.67 -11.31
C LYS A 97 0.33 14.13 -11.10
N ILE A 98 1.11 13.39 -10.31
CA ILE A 98 2.44 13.92 -10.00
C ILE A 98 3.41 13.69 -11.15
N GLY A 99 3.10 12.78 -12.06
CA GLY A 99 3.94 12.56 -13.23
C GLY A 99 4.62 11.20 -13.28
N VAL A 100 4.22 10.24 -12.44
CA VAL A 100 4.72 8.89 -12.53
C VAL A 100 4.00 8.17 -13.67
N ARG A 101 4.76 7.43 -14.49
CA ARG A 101 4.21 6.96 -15.76
C ARG A 101 4.09 5.45 -15.88
N SER A 102 4.77 4.66 -15.05
CA SER A 102 4.81 3.21 -15.21
C SER A 102 3.81 2.45 -14.34
N TYR A 103 2.85 3.13 -13.73
CA TYR A 103 2.03 2.32 -12.84
C TYR A 103 0.74 1.92 -13.54
N PRO A 104 0.28 0.67 -13.42
CA PRO A 104 0.80 -0.44 -12.63
C PRO A 104 1.77 -1.36 -13.34
N HIS A 105 2.18 -1.04 -14.56
CA HIS A 105 2.98 -2.00 -15.30
C HIS A 105 4.25 -2.39 -14.53
N SER A 106 4.81 -1.47 -13.74
CA SER A 106 6.07 -1.76 -13.05
C SER A 106 6.10 -0.99 -11.72
N ILE A 107 5.83 -1.69 -10.63
CA ILE A 107 5.95 -1.09 -9.30
C ILE A 107 7.35 -0.53 -9.12
N LYS A 108 8.37 -1.32 -9.45
CA LYS A 108 9.74 -0.89 -9.23
C LYS A 108 10.02 0.42 -9.96
N ASN A 109 9.68 0.48 -11.24
CA ASN A 109 9.96 1.70 -12.01
C ASN A 109 9.11 2.88 -11.51
N SER A 110 7.83 2.64 -11.21
CA SER A 110 6.97 3.69 -10.68
C SER A 110 7.61 4.38 -9.48
N LEU A 111 8.06 3.61 -8.49
CA LEU A 111 8.67 4.19 -7.30
C LEU A 111 9.97 4.92 -7.64
N LEU A 112 10.80 4.31 -8.50
CA LEU A 112 11.99 5.00 -9.01
C LEU A 112 11.62 6.32 -9.67
N GLU A 113 10.53 6.35 -10.44
CA GLU A 113 10.13 7.61 -11.05
C GLU A 113 9.71 8.62 -9.99
N LEU A 114 8.93 8.16 -9.00
CA LEU A 114 8.49 9.03 -7.93
C LEU A 114 9.68 9.62 -7.18
N LYS A 115 10.71 8.79 -6.92
CA LYS A 115 11.95 9.29 -6.32
C LYS A 115 12.54 10.45 -7.11
N GLU A 116 12.62 10.31 -8.45
CA GLU A 116 13.26 11.35 -9.24
C GLU A 116 12.48 12.65 -9.17
N LEU A 117 11.15 12.57 -9.15
CA LEU A 117 10.33 13.76 -9.03
C LEU A 117 10.49 14.44 -7.67
N ILE A 118 10.44 13.67 -6.58
CA ILE A 118 10.46 14.31 -5.26
C ILE A 118 11.84 14.84 -4.94
N ASP A 119 12.89 14.22 -5.48
CA ASP A 119 14.25 14.69 -5.22
C ASP A 119 14.52 16.04 -5.88
N ASN A 120 13.78 16.37 -6.94
CA ASN A 120 14.09 17.52 -7.79
C ASN A 120 13.02 18.59 -7.78
N ASN A 121 11.89 18.37 -7.13
CA ASN A 121 10.76 19.29 -7.23
C ASN A 121 10.25 19.65 -5.84
N ARG A 122 9.50 20.74 -5.78
CA ARG A 122 8.75 21.07 -4.58
C ARG A 122 7.27 21.18 -4.93
N TYR A 123 6.41 20.88 -3.96
CA TYR A 123 5.00 20.66 -4.24
C TYR A 123 4.09 21.41 -3.28
N ASP A 124 3.02 21.97 -3.84
CA ASP A 124 1.84 22.33 -3.05
C ASP A 124 0.99 21.08 -2.88
N ILE A 125 0.77 20.65 -1.64
CA ILE A 125 -0.02 19.46 -1.34
C ILE A 125 -1.27 19.85 -0.57
N THR A 126 -2.42 19.33 -0.99
CA THR A 126 -3.67 19.51 -0.27
C THR A 126 -3.94 18.24 0.53
N ILE A 127 -4.17 18.39 1.85
CA ILE A 127 -4.38 17.26 2.73
C ILE A 127 -5.67 17.47 3.51
N TYR A 128 -6.15 16.40 4.13
CA TYR A 128 -7.34 16.44 4.95
C TYR A 128 -7.31 15.31 5.96
N LYS A 129 -8.13 15.47 6.99
CA LYS A 129 -8.28 14.46 8.05
C LYS A 129 -9.06 13.25 7.50
N LYS A 130 -8.48 12.05 7.59
CA LYS A 130 -9.15 10.84 7.13
C LYS A 130 -9.28 9.84 8.28
N GLU A 131 -10.47 9.32 8.47
CA GLU A 131 -10.68 8.31 9.51
C GLU A 131 -10.04 6.99 9.11
N PHE A 132 -9.43 6.31 10.06
CA PHE A 132 -8.95 4.96 9.82
C PHE A 132 -9.17 4.11 11.06
N THR A 133 -9.29 2.81 10.84
CA THR A 133 -9.65 1.89 11.91
C THR A 133 -8.40 1.29 12.56
N ILE A 134 -8.47 1.15 13.88
CA ILE A 134 -7.40 0.49 14.64
C ILE A 134 -8.06 -0.64 15.40
N GLY A 135 -8.26 -1.76 14.74
CA GLY A 135 -9.15 -2.74 15.31
C GLY A 135 -10.53 -2.15 15.49
N ALA A 136 -11.01 -2.14 16.73
CA ALA A 136 -12.30 -1.59 17.07
C ALA A 136 -12.19 -0.11 17.44
N ALA A 137 -10.99 0.43 17.41
CA ALA A 137 -10.76 1.85 17.59
C ALA A 137 -10.74 2.55 16.24
N LYS A 138 -11.01 3.85 16.28
CA LYS A 138 -10.84 4.69 15.10
C LYS A 138 -9.99 5.88 15.48
N SER A 139 -9.26 6.40 14.51
CA SER A 139 -8.57 7.66 14.72
C SER A 139 -8.46 8.35 13.38
N SER A 140 -7.56 9.32 13.30
CA SER A 140 -7.45 10.16 12.13
C SER A 140 -6.01 10.19 11.65
N LYS A 141 -5.84 10.30 10.34
CA LYS A 141 -4.53 10.43 9.73
C LYS A 141 -4.65 11.45 8.61
N TRP A 142 -3.52 12.00 8.19
CA TRP A 142 -3.51 12.89 7.04
C TRP A 142 -3.59 12.10 5.75
N ALA A 143 -4.46 12.54 4.85
CA ALA A 143 -4.62 11.94 3.54
C ALA A 143 -4.38 13.01 2.48
N LEU A 144 -3.89 12.59 1.34
CA LEU A 144 -3.60 13.54 0.28
C LEU A 144 -4.83 13.66 -0.61
N LYS A 145 -5.30 14.91 -0.80
CA LYS A 145 -6.37 15.25 -1.72
C LYS A 145 -5.82 15.60 -3.11
N ASP A 146 -4.74 16.36 -3.19
CA ASP A 146 -4.21 16.79 -4.48
C ASP A 146 -2.74 17.15 -4.31
N VAL A 147 -2.04 17.24 -5.43
CA VAL A 147 -0.64 17.65 -5.44
C VAL A 147 -0.40 18.44 -6.71
N VAL A 148 0.15 19.63 -6.55
CA VAL A 148 0.48 20.54 -7.64
C VAL A 148 1.95 20.88 -7.55
N LEU A 149 2.64 20.78 -8.67
CA LEU A 149 4.04 21.18 -8.71
C LEU A 149 4.17 22.67 -8.43
N ARG A 150 5.08 23.03 -7.51
CA ARG A 150 5.29 24.41 -7.11
C ARG A 150 6.57 24.98 -7.66
N SER A 151 7.65 24.20 -7.64
CA SER A 151 8.92 24.63 -8.19
C SER A 151 9.66 23.42 -8.75
N ALA A 152 10.45 23.67 -9.78
CA ALA A 152 11.20 22.62 -10.47
C ALA A 152 12.65 23.04 -10.59
N LEU A 153 13.47 22.14 -11.13
CA LEU A 153 14.87 22.44 -11.40
C LEU A 153 14.98 23.69 -12.24
N PRO A 154 15.95 24.56 -11.94
CA PRO A 154 16.23 25.67 -12.84
C PRO A 154 17.08 25.19 -14.00
N THR A 155 16.96 25.89 -15.12
CA THR A 155 17.66 25.51 -16.33
C THR A 155 19.15 25.47 -16.08
N PRO A 156 19.81 24.33 -16.25
CA PRO A 156 21.25 24.30 -16.01
C PRO A 156 21.97 25.32 -16.91
N LYS A 157 23.03 25.92 -16.37
CA LYS A 157 23.75 26.92 -17.15
C LYS A 157 24.42 26.29 -18.36
N GLU A 158 24.79 25.02 -18.28
CA GLU A 158 25.34 24.34 -19.44
C GLU A 158 24.34 24.34 -20.59
N VAL A 159 23.06 24.15 -20.29
CA VAL A 159 22.02 24.26 -21.33
C VAL A 159 21.94 25.68 -21.86
N THR A 160 21.82 26.65 -20.97
CA THR A 160 21.70 28.04 -21.40
C THR A 160 22.89 28.46 -22.25
N PHE A 161 24.12 28.11 -21.81
CA PHE A 161 25.31 28.54 -22.54
C PHE A 161 25.45 27.79 -23.86
N THR A 162 25.30 26.47 -23.83
CA THR A 162 25.42 25.69 -25.06
C THR A 162 24.39 26.10 -26.12
N GLU A 163 23.14 26.35 -25.72
CA GLU A 163 22.19 26.76 -26.75
C GLU A 163 22.40 28.20 -27.22
N ASN A 164 23.19 29.00 -26.50
CA ASN A 164 23.50 30.34 -27.00
C ASN A 164 24.40 30.29 -28.23
N LYS A 165 25.36 29.36 -28.27
CA LYS A 165 26.17 29.18 -29.47
C LYS A 165 25.71 28.01 -30.33
N PHE A 166 24.77 27.19 -29.85
CA PHE A 166 24.07 26.20 -30.65
C PHE A 166 22.58 26.52 -30.63
N PRO A 167 22.15 27.57 -31.34
CA PRO A 167 20.75 28.01 -31.26
C PRO A 167 19.76 26.96 -31.74
N LEU A 168 18.62 26.89 -31.04
CA LEU A 168 17.49 26.05 -31.43
C LEU A 168 16.96 26.41 -32.80
N VAL A 169 16.66 25.39 -33.62
CA VAL A 169 16.32 25.58 -35.02
C VAL A 169 15.50 24.38 -35.50
N ARG A 170 14.49 24.64 -36.34
CA ARG A 170 13.96 23.56 -37.15
C ARG A 170 14.95 23.20 -38.25
N VAL A 171 14.84 21.98 -38.77
CA VAL A 171 15.77 21.55 -39.81
C VAL A 171 15.68 22.47 -41.02
N SER A 172 14.49 23.01 -41.28
CA SER A 172 14.29 23.87 -42.43
C SER A 172 14.94 25.22 -42.26
N ASN A 173 15.26 25.63 -41.04
CA ASN A 173 15.95 26.89 -40.81
C ASN A 173 17.45 26.71 -40.59
N ILE A 174 17.99 25.51 -40.87
CA ILE A 174 19.44 25.29 -40.87
C ILE A 174 20.00 25.85 -42.16
N VAL A 175 20.89 26.84 -42.04
CA VAL A 175 21.47 27.50 -43.20
C VAL A 175 22.95 27.17 -43.29
N PRO A 176 23.34 26.25 -44.17
CA PRO A 176 24.74 25.80 -44.19
C PRO A 176 25.63 26.67 -45.05
N SER A 177 26.91 26.72 -44.64
CA SER A 177 27.93 27.42 -45.40
C SER A 177 29.18 26.58 -45.58
N ALA A 178 30.23 27.21 -46.12
CA ALA A 178 31.49 26.51 -46.28
C ALA A 178 32.13 26.25 -44.94
N SER A 179 31.83 27.09 -43.95
CA SER A 179 32.39 26.98 -42.62
C SER A 179 31.32 26.51 -41.65
N SER A 180 31.75 25.79 -40.63
CA SER A 180 30.82 25.13 -39.73
C SER A 180 29.86 26.10 -39.07
N ARG A 181 28.60 25.71 -39.00
CA ARG A 181 27.59 26.40 -38.19
C ARG A 181 27.03 25.44 -37.16
N TYR A 182 26.76 25.95 -35.96
CA TYR A 182 26.37 25.14 -34.83
C TYR A 182 24.92 25.39 -34.45
N TYR A 183 24.21 24.33 -34.08
CA TYR A 183 22.77 24.39 -33.87
C TYR A 183 22.33 23.34 -32.87
N THR A 184 21.11 23.53 -32.36
CA THR A 184 20.44 22.53 -31.54
C THR A 184 19.12 22.16 -32.22
N VAL A 185 18.94 20.88 -32.50
CA VAL A 185 17.77 20.36 -33.17
C VAL A 185 17.14 19.32 -32.27
N ILE A 186 15.82 19.36 -32.17
CA ILE A 186 15.05 18.36 -31.45
C ILE A 186 14.41 17.44 -32.48
N GLY A 187 14.76 16.16 -32.46
CA GLY A 187 14.48 15.31 -33.60
C GLY A 187 14.12 13.90 -33.22
N LEU A 188 13.41 13.26 -34.14
CA LEU A 188 13.20 11.83 -34.08
C LEU A 188 14.39 11.14 -34.70
N ALA A 189 15.00 10.17 -34.00
CA ALA A 189 16.09 9.41 -34.58
C ALA A 189 15.50 8.39 -35.55
N VAL A 190 16.06 8.32 -36.76
CA VAL A 190 15.48 7.52 -37.83
C VAL A 190 16.31 6.27 -38.12
N THR A 191 17.63 6.39 -38.22
CA THR A 191 18.45 5.24 -38.58
C THR A 191 19.74 5.27 -37.77
N VAL A 192 20.27 4.08 -37.52
CA VAL A 192 21.60 3.86 -36.99
C VAL A 192 22.30 2.89 -37.93
N LYS A 193 23.47 3.25 -38.42
CA LYS A 193 24.19 2.41 -39.37
C LYS A 193 25.69 2.55 -39.13
N TYR A 194 26.41 1.43 -39.26
CA TYR A 194 27.86 1.43 -39.11
C TYR A 194 28.45 0.56 -40.22
N THR A 195 29.39 1.12 -40.99
CA THR A 195 30.20 0.34 -41.92
C THR A 195 31.63 0.16 -41.42
N GLY A 196 31.80 0.02 -40.10
CA GLY A 196 33.09 -0.18 -39.50
C GLY A 196 34.08 0.97 -39.64
N GLY A 197 33.64 2.08 -40.25
CA GLY A 197 34.52 3.19 -40.56
C GLY A 197 34.86 4.05 -39.37
N LYS A 198 35.15 5.33 -39.65
CA LYS A 198 35.56 6.26 -38.60
C LYS A 198 34.38 6.93 -37.91
N THR A 199 33.20 6.93 -38.53
CA THR A 199 32.03 7.59 -37.97
C THR A 199 30.85 6.63 -37.97
N LEU A 200 29.85 6.95 -37.15
CA LEU A 200 28.61 6.20 -37.06
C LEU A 200 27.45 7.06 -37.53
N VAL A 201 26.55 6.47 -38.29
CA VAL A 201 25.38 7.20 -38.78
C VAL A 201 24.26 7.09 -37.76
N LEU A 202 23.77 8.24 -37.29
CA LEU A 202 22.53 8.36 -36.53
C LEU A 202 21.76 9.48 -37.23
N SER A 203 20.91 9.09 -38.18
CA SER A 203 20.15 10.09 -38.92
C SER A 203 18.88 10.46 -38.16
N PHE A 204 18.33 11.63 -38.50
CA PHE A 204 17.18 12.09 -37.73
C PHE A 204 16.28 12.97 -38.58
N THR A 205 15.07 13.21 -38.08
CA THR A 205 14.11 14.00 -38.81
C THR A 205 13.32 14.89 -37.87
N ASP A 206 12.77 15.94 -38.48
CA ASP A 206 11.91 16.98 -37.94
C ASP A 206 10.54 16.99 -38.60
N PHE A 207 10.39 16.25 -39.69
CA PHE A 207 9.28 16.42 -40.62
C PHE A 207 9.24 17.82 -41.22
N THR A 208 10.39 18.46 -41.19
CA THR A 208 10.60 19.81 -41.67
C THR A 208 11.69 19.75 -42.75
N ALA A 209 11.45 20.37 -43.91
CA ALA A 209 12.23 20.06 -45.11
C ALA A 209 13.30 21.12 -45.38
N ASN A 210 14.46 20.67 -45.88
CA ASN A 210 15.56 21.56 -46.19
C ASN A 210 16.14 21.19 -47.55
N PRO A 211 16.36 22.16 -48.44
CA PRO A 211 16.79 21.82 -49.81
C PRO A 211 18.18 21.26 -49.88
N LYS A 212 19.03 21.50 -48.88
CA LYS A 212 20.36 20.89 -48.82
C LYS A 212 20.37 19.52 -48.16
N VAL A 213 19.26 19.08 -47.58
CA VAL A 213 19.15 17.76 -46.96
C VAL A 213 18.72 16.77 -48.03
N ASN A 214 19.38 15.60 -48.06
CA ASN A 214 19.06 14.57 -49.06
C ASN A 214 19.54 13.21 -48.55
N TYR A 215 18.61 12.40 -48.02
CA TYR A 215 18.99 11.08 -47.50
C TYR A 215 17.75 10.19 -47.53
N GLY A 216 17.72 9.23 -48.44
CA GLY A 216 16.50 8.48 -48.68
C GLY A 216 16.64 7.03 -48.30
N TYR A 217 17.83 6.66 -47.86
CA TYR A 217 18.12 5.32 -47.38
C TYR A 217 17.34 5.05 -46.12
N ASP A 218 16.45 4.05 -46.16
CA ASP A 218 15.66 3.65 -44.99
C ASP A 218 14.84 4.81 -44.45
N SER A 219 14.34 5.66 -45.35
CA SER A 219 13.72 6.91 -44.94
C SER A 219 12.21 6.71 -44.79
N PHE A 220 11.83 6.05 -43.68
CA PHE A 220 10.41 5.81 -43.42
C PHE A 220 10.13 5.86 -41.92
N LEU A 221 8.85 5.94 -41.59
CA LEU A 221 8.36 6.11 -40.22
C LEU A 221 7.54 4.89 -39.88
N GLY A 222 8.06 4.03 -39.01
CA GLY A 222 7.29 2.86 -38.61
C GLY A 222 7.20 1.74 -39.61
N SER A 223 6.88 2.07 -40.87
CA SER A 223 6.73 1.04 -41.90
C SER A 223 7.02 1.66 -43.26
N PHE A 224 7.18 0.80 -44.29
CA PHE A 224 7.54 1.30 -45.61
C PHE A 224 6.44 2.15 -46.23
N GLN A 225 5.20 2.01 -45.78
CA GLN A 225 4.07 2.74 -46.34
C GLN A 225 4.01 4.20 -45.89
N GLU A 226 4.74 4.58 -44.85
CA GLU A 226 4.79 5.97 -44.40
C GLU A 226 6.21 6.49 -44.64
N ARG A 227 6.39 7.29 -45.69
CA ARG A 227 7.72 7.74 -46.04
C ARG A 227 8.12 8.95 -45.22
N ILE A 228 9.41 9.06 -44.97
CA ILE A 228 10.03 10.34 -44.64
C ILE A 228 10.68 10.87 -45.93
N PRO A 229 10.32 12.05 -46.41
CA PRO A 229 10.95 12.54 -47.63
C PRO A 229 12.43 12.76 -47.43
N GLU A 230 13.19 12.63 -48.52
CA GLU A 230 14.65 12.69 -48.45
C GLU A 230 15.17 14.04 -48.03
N ASN A 231 14.41 15.11 -48.28
CA ASN A 231 14.86 16.43 -47.87
C ASN A 231 14.37 16.75 -46.46
N GLU A 232 13.80 15.75 -45.77
CA GLU A 232 13.50 15.82 -44.35
C GLU A 232 14.34 14.87 -43.52
N HIS A 233 15.09 13.97 -44.15
CA HIS A 233 15.85 12.94 -43.45
C HIS A 233 17.28 13.41 -43.39
N VAL A 234 17.69 13.93 -42.24
CA VAL A 234 19.03 14.51 -42.08
C VAL A 234 20.04 13.41 -41.84
N HIS A 235 20.94 13.22 -42.81
CA HIS A 235 22.11 12.38 -42.61
C HIS A 235 23.03 13.04 -41.59
N ALA A 236 23.46 12.28 -40.59
CA ALA A 236 24.29 12.84 -39.53
C ALA A 236 25.23 11.78 -39.01
N LEU A 237 26.41 12.21 -38.56
CA LEU A 237 27.48 11.31 -38.17
C LEU A 237 27.94 11.64 -36.76
N ILE A 238 28.30 10.59 -36.01
CA ILE A 238 28.97 10.71 -34.73
C ILE A 238 30.41 10.22 -34.87
N TYR A 239 31.36 11.01 -34.37
CA TYR A 239 32.74 10.56 -34.27
C TYR A 239 32.86 9.41 -33.28
N LEU A 240 33.59 8.36 -33.65
CA LEU A 240 33.58 7.12 -32.88
C LEU A 240 33.83 7.33 -31.39
N ASN A 241 34.69 8.28 -31.04
CA ASN A 241 34.99 8.49 -29.62
C ASN A 241 33.81 9.03 -28.82
N ARG A 242 32.76 9.53 -29.48
CA ARG A 242 31.60 10.09 -28.81
C ARG A 242 30.41 9.14 -28.76
N VAL A 243 30.48 7.98 -29.43
CA VAL A 243 29.36 7.06 -29.45
C VAL A 243 29.05 6.54 -28.06
N GLU A 244 30.08 6.18 -27.31
CA GLU A 244 29.84 5.50 -26.04
C GLU A 244 29.09 6.38 -25.05
N SER A 245 29.34 7.70 -25.04
CA SER A 245 28.56 8.59 -24.16
C SER A 245 27.11 8.65 -24.59
N LEU A 246 26.86 8.73 -25.89
CA LEU A 246 25.48 8.72 -26.37
C LEU A 246 24.81 7.39 -26.03
N ASN A 247 25.45 6.28 -26.42
CA ASN A 247 25.06 4.95 -25.97
C ASN A 247 24.64 4.90 -24.51
N GLU A 248 25.46 5.44 -23.61
CA GLU A 248 25.14 5.27 -22.19
C GLU A 248 23.99 6.16 -21.77
N LYS A 249 23.77 7.28 -22.46
CA LYS A 249 22.64 8.13 -22.13
C LYS A 249 21.32 7.49 -22.56
N LEU A 250 21.29 6.93 -23.76
CA LEU A 250 20.13 6.18 -24.23
C LEU A 250 19.88 4.96 -23.34
N GLN A 251 20.95 4.22 -23.08
CA GLN A 251 20.89 3.10 -22.13
C GLN A 251 20.24 3.48 -20.82
N SER A 252 20.41 4.72 -20.35
CA SER A 252 19.69 5.11 -19.15
C SER A 252 18.19 5.15 -19.36
N ILE A 253 17.72 5.24 -20.62
CA ILE A 253 16.28 5.27 -20.91
C ILE A 253 15.76 3.89 -21.34
N ILE A 254 16.44 3.22 -22.26
CA ILE A 254 15.91 1.98 -22.83
C ILE A 254 16.78 0.78 -22.48
N LYS A 255 17.76 0.95 -21.58
CA LYS A 255 18.54 -0.16 -21.01
C LYS A 255 19.21 -0.99 -22.08
N MET A 256 19.62 -0.37 -23.18
CA MET A 256 20.36 -1.06 -24.22
C MET A 256 20.93 0.01 -25.14
N GLY A 257 21.82 -0.41 -26.02
CA GLY A 257 22.63 0.52 -26.76
C GLY A 257 21.99 1.00 -28.06
N LEU A 258 22.73 1.88 -28.72
CA LEU A 258 22.30 2.47 -29.98
C LEU A 258 22.19 1.40 -31.07
N MET A 259 23.26 0.63 -31.30
CA MET A 259 23.26 -0.37 -32.36
C MET A 259 22.10 -1.34 -32.23
N GLU A 260 21.84 -1.80 -31.00
CA GLU A 260 20.78 -2.77 -30.73
C GLU A 260 19.40 -2.27 -31.12
N CYS A 261 19.25 -0.99 -31.47
CA CYS A 261 17.96 -0.49 -31.88
C CYS A 261 17.59 -0.93 -33.28
N ALA A 262 18.56 -1.17 -34.16
CA ALA A 262 18.28 -1.44 -35.56
C ALA A 262 18.13 -2.95 -35.78
N ASP A 263 17.09 -3.51 -35.18
CA ASP A 263 16.98 -4.97 -35.06
C ASP A 263 16.03 -5.60 -36.08
N LYS A 264 15.53 -4.85 -37.06
CA LYS A 264 14.51 -5.36 -37.97
C LYS A 264 15.05 -5.62 -39.36
N GLY A 265 16.36 -5.88 -39.49
CA GLY A 265 16.96 -6.17 -40.78
C GLY A 265 17.22 -4.98 -41.68
N ASN A 266 17.15 -3.75 -41.15
CA ASN A 266 17.69 -2.58 -41.85
C ASN A 266 18.16 -1.59 -40.80
N SER A 267 18.48 -0.37 -41.23
CA SER A 267 19.04 0.60 -40.32
C SER A 267 17.99 1.44 -39.61
N ASN A 268 16.70 1.18 -39.82
CA ASN A 268 15.64 2.08 -39.36
C ASN A 268 15.21 1.74 -37.95
N ILE A 269 15.06 2.77 -37.11
CA ILE A 269 14.76 2.53 -35.71
C ILE A 269 13.53 3.30 -35.26
N THR A 270 12.73 3.79 -36.20
CA THR A 270 11.56 4.61 -35.86
C THR A 270 10.47 3.83 -35.15
N HIS A 271 10.55 2.50 -35.10
CA HIS A 271 9.54 1.76 -34.35
C HIS A 271 9.71 1.98 -32.85
N ARG A 272 10.78 2.64 -32.46
CA ARG A 272 11.02 2.92 -31.06
C ARG A 272 10.76 4.37 -30.70
N SER A 273 10.48 5.22 -31.69
CA SER A 273 10.17 6.64 -31.49
C SER A 273 11.15 7.34 -30.56
N ILE A 274 12.44 7.11 -30.78
CA ILE A 274 13.50 7.69 -29.95
C ILE A 274 13.73 9.15 -30.32
N ILE A 275 13.58 10.04 -29.34
CA ILE A 275 13.71 11.48 -29.54
C ILE A 275 14.93 11.98 -28.79
N PHE A 276 15.78 12.75 -29.48
CA PHE A 276 16.96 13.38 -28.91
C PHE A 276 16.89 14.90 -29.08
N LYS A 277 17.50 15.61 -28.15
CA LYS A 277 18.02 16.96 -28.40
C LYS A 277 19.40 16.79 -29.01
N PHE A 278 19.52 17.03 -30.30
CA PHE A 278 20.79 16.93 -31.01
C PHE A 278 21.52 18.25 -30.94
N THR A 279 22.82 18.20 -30.64
CA THR A 279 23.72 19.35 -30.63
C THR A 279 24.69 19.15 -31.80
N VAL A 280 24.50 19.90 -32.88
CA VAL A 280 25.07 19.50 -34.17
C VAL A 280 25.97 20.59 -34.75
N LYS A 281 26.92 20.15 -35.57
CA LYS A 281 27.73 21.02 -36.40
C LYS A 281 27.38 20.72 -37.85
N CYS A 282 27.02 21.75 -38.60
CA CYS A 282 26.61 21.62 -40.00
C CYS A 282 27.57 22.36 -40.91
N GLN A 283 27.92 21.71 -42.01
CA GLN A 283 28.84 22.28 -42.98
C GLN A 283 28.58 21.66 -44.34
N LEU A 284 28.47 22.49 -45.38
CA LEU A 284 28.51 21.98 -46.74
C LEU A 284 29.90 21.41 -47.03
N PHE A 285 29.94 20.21 -47.58
CA PHE A 285 31.20 19.59 -47.92
C PHE A 285 30.98 18.68 -49.12
N GLN A 286 31.63 19.01 -50.23
CA GLN A 286 31.71 18.08 -51.36
C GLN A 286 30.34 17.86 -51.98
N GLY A 287 29.56 18.93 -52.09
CA GLY A 287 28.23 18.85 -52.64
C GLY A 287 27.12 18.53 -51.66
N LYS A 288 27.42 18.11 -50.43
CA LYS A 288 26.41 17.65 -49.49
C LYS A 288 26.39 18.47 -48.22
N LEU A 289 25.26 18.43 -47.52
CA LEU A 289 25.16 18.97 -46.17
C LEU A 289 25.69 17.93 -45.19
N ASN A 290 26.82 18.21 -44.58
CA ASN A 290 27.43 17.31 -43.60
C ASN A 290 27.05 17.78 -42.19
N THR A 291 26.35 16.91 -41.45
CA THR A 291 25.91 17.19 -40.11
C THR A 291 26.61 16.24 -39.16
N VAL A 292 27.21 16.79 -38.11
CA VAL A 292 27.95 16.00 -37.12
C VAL A 292 27.21 16.16 -35.80
N ILE A 293 26.83 15.05 -35.18
CA ILE A 293 26.23 15.08 -33.84
C ILE A 293 27.38 15.17 -32.84
N LEU A 294 27.57 16.35 -32.24
CA LEU A 294 28.55 16.55 -31.19
C LEU A 294 28.04 16.11 -29.83
N ASP A 295 26.73 16.06 -29.65
CA ASP A 295 26.11 15.58 -28.42
C ASP A 295 24.67 15.23 -28.76
N ALA A 296 24.09 14.34 -27.95
CA ALA A 296 22.68 14.03 -28.06
C ALA A 296 22.17 13.63 -26.69
N ASP A 297 21.05 14.23 -26.28
CA ASP A 297 20.46 13.97 -24.99
C ASP A 297 19.06 13.39 -25.21
N PRO A 298 18.77 12.20 -24.71
CA PRO A 298 17.40 11.65 -24.85
C PRO A 298 16.40 12.59 -24.23
N ILE A 299 15.27 12.78 -24.89
CA ILE A 299 14.22 13.66 -24.40
C ILE A 299 12.94 12.86 -24.23
N THR A 300 12.37 12.95 -23.06
CA THR A 300 11.33 12.10 -22.53
C THR A 300 10.27 13.02 -21.95
N PRO A 301 9.03 12.56 -21.78
CA PRO A 301 8.06 13.41 -21.07
C PRO A 301 8.50 13.74 -19.65
N THR A 302 9.40 12.95 -19.10
CA THR A 302 9.93 13.15 -17.75
C THR A 302 11.25 13.90 -17.76
N THR A 303 11.98 13.88 -18.87
CA THR A 303 13.16 14.73 -19.02
C THR A 303 12.76 16.20 -19.04
N PRO A 304 13.28 17.03 -18.12
CA PRO A 304 12.88 18.45 -18.10
C PRO A 304 13.39 19.18 -19.34
N VAL A 305 12.56 20.12 -19.83
CA VAL A 305 12.89 20.92 -21.00
C VAL A 305 12.51 22.37 -20.73
N THR A 306 13.21 23.29 -21.38
CA THR A 306 12.85 24.70 -21.36
C THR A 306 11.57 24.92 -22.18
N THR A 307 10.95 26.08 -21.98
CA THR A 307 9.77 26.43 -22.76
C THR A 307 10.08 26.51 -24.24
N GLU A 308 11.24 27.06 -24.59
CA GLU A 308 11.62 27.18 -25.99
C GLU A 308 11.80 25.81 -26.63
N GLU A 309 12.45 24.88 -25.91
CA GLU A 309 12.62 23.54 -26.45
C GLU A 309 11.26 22.90 -26.70
N TYR A 310 10.32 23.10 -25.78
CA TYR A 310 9.00 22.50 -25.91
C TYR A 310 8.25 23.03 -27.13
N LYS A 311 8.53 24.27 -27.55
CA LYS A 311 7.89 24.80 -28.75
C LYS A 311 8.19 23.92 -29.96
N LEU A 312 9.36 23.29 -29.97
CA LEU A 312 9.75 22.40 -31.05
C LEU A 312 9.38 20.96 -30.75
N LEU A 313 9.42 20.57 -29.47
CA LEU A 313 9.18 19.17 -29.12
C LEU A 313 7.71 18.82 -29.25
N LYS A 314 6.82 19.75 -28.90
CA LYS A 314 5.41 19.42 -28.90
C LYS A 314 4.87 19.12 -30.29
N PRO A 315 5.09 19.94 -31.33
CA PRO A 315 4.65 19.54 -32.68
C PRO A 315 5.39 18.33 -33.22
N LEU A 316 6.66 18.15 -32.87
CA LEU A 316 7.37 16.93 -33.20
C LEU A 316 6.59 15.69 -32.76
N ARG A 317 6.26 15.60 -31.47
CA ARG A 317 5.53 14.44 -30.96
C ARG A 317 4.20 14.26 -31.65
N ASN A 318 3.52 15.39 -31.91
CA ASN A 318 2.24 15.36 -32.59
C ASN A 318 2.34 14.77 -33.99
N LYS A 319 3.42 15.11 -34.72
CA LYS A 319 3.56 14.58 -36.07
C LYS A 319 3.94 13.11 -36.07
N ILE A 320 4.80 12.70 -35.12
CA ILE A 320 5.17 11.29 -35.02
C ILE A 320 3.91 10.44 -34.83
N PHE A 321 3.10 10.82 -33.84
CA PHE A 321 1.92 10.05 -33.51
C PHE A 321 0.93 10.03 -34.67
N LYS A 322 0.65 11.20 -35.27
CA LYS A 322 -0.36 11.28 -36.33
C LYS A 322 0.07 10.50 -37.57
N ARG A 323 1.36 10.55 -37.90
CA ARG A 323 1.87 9.92 -39.12
C ARG A 323 2.28 8.48 -38.92
N MET A 324 2.48 8.04 -37.68
CA MET A 324 2.91 6.67 -37.46
C MET A 324 1.77 5.74 -37.85
N PRO A 325 2.02 4.75 -38.71
CA PRO A 325 0.96 3.78 -39.03
C PRO A 325 0.35 3.16 -37.77
N SER A 326 -0.97 3.08 -37.76
CA SER A 326 -1.70 2.57 -36.59
C SER A 326 -1.16 1.24 -36.08
N GLU A 327 -0.95 0.27 -36.98
CA GLU A 327 -0.56 -1.08 -36.55
C GLU A 327 0.80 -1.08 -35.86
N VAL A 328 1.72 -0.21 -36.27
CA VAL A 328 2.99 -0.08 -35.58
C VAL A 328 2.79 0.50 -34.20
N ILE A 329 1.97 1.54 -34.09
CA ILE A 329 1.62 2.07 -32.77
C ILE A 329 1.08 0.97 -31.88
N GLN A 330 0.24 0.09 -32.43
CA GLN A 330 -0.29 -1.00 -31.62
C GLN A 330 0.80 -2.00 -31.21
N LEU A 331 1.70 -2.34 -32.12
CA LEU A 331 2.71 -3.35 -31.81
C LEU A 331 3.79 -2.85 -30.85
N TYR A 332 4.02 -1.53 -30.76
CA TYR A 332 5.17 -0.96 -30.07
C TYR A 332 4.76 0.11 -29.06
N THR A 333 3.52 0.10 -28.57
CA THR A 333 3.05 1.14 -27.67
C THR A 333 3.97 1.28 -26.47
N LEU A 334 4.19 0.18 -25.74
CA LEU A 334 5.05 0.18 -24.56
C LEU A 334 6.45 0.68 -24.90
N THR A 335 7.02 0.18 -26.01
CA THR A 335 8.35 0.60 -26.43
C THR A 335 8.40 2.11 -26.66
N MET A 336 7.49 2.62 -27.51
CA MET A 336 7.45 4.06 -27.80
C MET A 336 7.06 4.90 -26.60
N SER A 337 6.38 4.33 -25.59
CA SER A 337 6.03 5.09 -24.39
C SER A 337 7.25 5.67 -23.71
N ARG A 338 8.44 5.11 -23.95
CA ARG A 338 9.64 5.68 -23.39
C ARG A 338 9.79 7.15 -23.75
N PHE A 339 9.34 7.55 -24.95
CA PHE A 339 9.53 8.90 -25.43
C PHE A 339 8.21 9.60 -25.76
N LEU A 340 7.19 8.85 -26.15
CA LEU A 340 5.89 9.42 -26.50
C LEU A 340 4.94 9.26 -25.34
N PRO A 341 4.27 10.30 -24.86
CA PRO A 341 3.26 10.10 -23.81
C PRO A 341 1.99 9.48 -24.38
N ILE A 342 2.06 8.20 -24.75
CA ILE A 342 0.90 7.50 -25.30
C ILE A 342 0.05 6.98 -24.15
N SER A 343 -1.26 7.06 -24.32
CA SER A 343 -2.18 6.50 -23.35
C SER A 343 -3.18 5.57 -24.03
N LYS A 344 -3.70 4.63 -23.24
CA LYS A 344 -4.77 3.75 -23.67
C LYS A 344 -6.11 4.37 -23.28
N ASN A 345 -6.97 4.62 -24.26
CA ASN A 345 -8.28 5.19 -24.00
C ASN A 345 -9.36 4.11 -24.05
N ARG A 346 -10.43 4.32 -23.30
CA ARG A 346 -11.57 3.44 -23.29
C ARG A 346 -12.88 2.93 -23.89
N MET A 347 -13.62 3.87 -24.49
CA MET A 347 -14.95 3.62 -25.07
C MET A 347 -14.52 3.25 -26.48
N SER A 348 -13.49 3.92 -26.99
CA SER A 348 -12.94 3.65 -28.32
C SER A 348 -11.82 2.68 -28.66
N GLU A 349 -11.02 2.30 -27.65
CA GLU A 349 -9.88 1.39 -27.82
C GLU A 349 -8.89 1.93 -28.85
N ASN A 350 -8.55 3.20 -28.71
CA ASN A 350 -7.60 3.87 -29.58
C ASN A 350 -6.50 4.46 -28.72
N PRO A 351 -5.23 4.24 -29.06
CA PRO A 351 -4.16 4.97 -28.36
C PRO A 351 -4.27 6.46 -28.64
N GLN A 352 -3.99 7.26 -27.63
CA GLN A 352 -4.06 8.70 -27.74
C GLN A 352 -2.76 9.32 -27.26
N LEU A 353 -2.47 10.52 -27.76
CA LEU A 353 -1.30 11.27 -27.36
C LEU A 353 -1.68 12.28 -26.28
N LEU A 354 -1.12 12.13 -25.09
CA LEU A 354 -1.33 13.12 -24.06
C LEU A 354 -0.37 14.30 -24.25
N GLN A 355 -0.76 15.45 -23.72
CA GLN A 355 0.14 16.58 -23.59
C GLN A 355 0.69 16.55 -22.17
N GLU A 356 1.97 16.23 -22.04
CA GLU A 356 2.58 15.91 -20.76
C GLU A 356 4.05 16.22 -20.89
N GLN A 357 4.57 17.14 -20.08
CA GLN A 357 5.98 17.45 -20.16
C GLN A 357 6.46 18.07 -18.86
N ALA A 358 7.63 17.63 -18.41
CA ALA A 358 8.36 18.28 -17.34
C ALA A 358 9.12 19.48 -17.88
N PHE A 359 8.96 20.64 -17.23
CA PHE A 359 9.66 21.87 -17.60
C PHE A 359 10.66 22.29 -16.53
N TYR A 360 11.84 22.75 -16.97
CA TYR A 360 12.68 23.57 -16.12
C TYR A 360 11.95 24.85 -15.75
N ASP A 361 12.40 25.50 -14.68
CA ASP A 361 11.87 26.80 -14.24
C ASP A 361 12.70 27.97 -14.78
N ASP A 372 17.75 24.12 -0.80
CA ASP A 372 19.09 24.08 -0.23
C ASP A 372 19.09 23.34 1.09
N SER A 373 18.23 23.82 2.00
CA SER A 373 18.18 23.33 3.38
C SER A 373 18.26 21.81 3.47
N ILE A 374 17.42 21.10 2.70
CA ILE A 374 17.43 19.64 2.76
C ILE A 374 18.60 19.06 1.98
N ALA A 375 18.91 19.66 0.81
CA ALA A 375 20.02 19.18 0.00
C ALA A 375 21.32 19.15 0.80
N LYS A 376 21.61 20.23 1.52
CA LYS A 376 22.87 20.32 2.25
C LYS A 376 22.90 19.32 3.40
N LEU A 377 21.74 18.99 3.99
CA LEU A 377 21.72 17.98 5.05
C LEU A 377 22.08 16.61 4.52
N GLU A 378 21.58 16.26 3.33
CA GLU A 378 21.92 14.97 2.74
C GLU A 378 23.23 15.01 1.98
N ASN A 379 23.73 16.19 1.62
CA ASN A 379 25.09 16.29 1.13
C ASN A 379 26.09 16.01 2.25
N GLN A 380 25.76 16.42 3.48
CA GLN A 380 26.54 15.99 4.64
C GLN A 380 26.48 14.49 4.81
N LEU A 381 25.28 13.92 4.79
CA LEU A 381 25.16 12.48 4.98
C LEU A 381 25.84 11.72 3.86
N LYS A 382 25.72 12.21 2.62
CA LYS A 382 26.47 11.61 1.53
C LYS A 382 27.97 11.67 1.82
N ARG A 383 28.42 12.73 2.49
CA ARG A 383 29.81 12.85 2.88
C ARG A 383 30.16 11.84 3.99
N GLU A 384 29.43 11.90 5.11
CA GLU A 384 29.72 11.04 6.26
C GLU A 384 28.90 9.77 6.09
N GLY A 385 29.11 8.83 7.01
CA GLY A 385 28.38 7.58 6.96
C GLY A 385 26.89 7.39 7.11
N VAL A 386 26.25 6.87 6.05
CA VAL A 386 25.00 6.18 6.26
C VAL A 386 25.21 5.06 7.27
N ASP A 387 26.44 4.56 7.37
CA ASP A 387 26.79 3.48 8.28
C ASP A 387 26.51 3.84 9.74
N LYS A 388 26.73 5.10 10.12
CA LYS A 388 26.45 5.51 11.49
C LYS A 388 24.96 5.44 11.78
N ILE A 389 24.14 6.08 10.92
CA ILE A 389 22.70 6.02 11.08
C ILE A 389 22.20 4.59 10.94
N GLU A 390 22.79 3.82 10.03
CA GLU A 390 22.34 2.46 9.82
C GLU A 390 22.51 1.58 11.05
N GLU A 391 23.31 2.02 12.03
CA GLU A 391 23.41 1.31 13.30
C GLU A 391 22.11 1.36 14.09
N ASP A 392 21.17 2.23 13.70
CA ASP A 392 19.87 2.31 14.33
C ASP A 392 18.75 1.88 13.37
N ALA A 393 19.07 1.18 12.30
CA ALA A 393 18.03 0.69 11.42
C ALA A 393 17.10 -0.24 12.20
N ALA A 394 15.79 -0.08 11.98
CA ALA A 394 14.83 -0.96 12.63
C ALA A 394 15.07 -2.43 12.28
N THR A 395 15.71 -2.71 11.16
CA THR A 395 15.94 -4.11 10.80
C THR A 395 17.07 -4.73 11.61
N ARG A 396 18.02 -3.92 12.03
CA ARG A 396 19.17 -4.43 12.78
C ARG A 396 18.69 -5.17 14.02
N PRO A 397 19.26 -6.34 14.32
CA PRO A 397 18.81 -7.10 15.49
C PRO A 397 18.82 -6.26 16.75
N ILE A 398 17.72 -6.34 17.48
CA ILE A 398 17.48 -5.48 18.65
C ILE A 398 18.09 -6.13 19.87
N GLU A 399 19.20 -5.57 20.35
CA GLU A 399 19.85 -6.05 21.57
C GLU A 399 19.15 -5.46 22.80
N LEU A 400 19.54 -5.97 23.97
CA LEU A 400 18.69 -5.83 25.14
C LEU A 400 19.13 -4.76 26.13
N PHE A 401 20.43 -4.55 26.30
CA PHE A 401 20.96 -3.77 27.41
C PHE A 401 21.79 -2.59 26.89
N GLY A 402 21.11 -1.67 26.21
CA GLY A 402 21.78 -0.47 25.77
C GLY A 402 21.94 0.52 26.89
N THR A 403 20.95 0.59 27.78
CA THR A 403 20.84 1.68 28.75
C THR A 403 20.28 1.20 30.07
N ARG A 404 20.80 1.77 31.16
CA ARG A 404 20.38 1.43 32.50
C ARG A 404 19.54 2.56 33.09
N ASN A 405 18.61 2.16 33.96
CA ASN A 405 17.66 3.04 34.66
C ASN A 405 16.71 3.72 33.68
N PRO A 406 16.08 2.99 32.76
CA PRO A 406 15.21 3.65 31.78
C PRO A 406 14.02 4.32 32.45
N LYS A 407 13.66 5.49 31.96
CA LYS A 407 12.57 6.25 32.55
C LYS A 407 11.24 5.66 32.14
N THR A 408 10.26 5.77 33.03
CA THR A 408 8.88 5.48 32.68
C THR A 408 8.22 6.79 32.32
N VAL A 409 7.39 6.74 31.28
CA VAL A 409 7.11 7.91 30.45
C VAL A 409 5.69 7.78 29.94
N ASP A 410 5.07 8.91 29.63
CA ASP A 410 3.75 8.90 29.00
C ASP A 410 3.88 8.86 27.49
N ILE A 411 2.76 8.61 26.81
CA ILE A 411 2.73 8.65 25.35
C ILE A 411 3.07 10.03 24.81
N ILE A 412 2.54 11.08 25.44
CA ILE A 412 2.86 12.44 24.97
C ILE A 412 4.35 12.70 25.08
N ASP A 413 4.96 12.25 26.19
CA ASP A 413 6.40 12.42 26.35
C ASP A 413 7.15 11.71 25.23
N ILE A 414 6.71 10.49 24.87
CA ILE A 414 7.40 9.75 23.81
C ILE A 414 7.34 10.51 22.50
N LYS A 415 6.14 10.97 22.12
CA LYS A 415 5.99 11.79 20.92
C LYS A 415 6.94 12.98 20.93
N ASN A 416 7.13 13.61 22.10
CA ASN A 416 7.99 14.79 22.20
C ASN A 416 9.47 14.45 22.34
N ASN A 417 9.85 13.17 22.43
CA ASN A 417 11.26 12.83 22.58
C ASN A 417 12.09 13.36 21.42
N VAL A 418 11.71 13.02 20.18
CA VAL A 418 12.07 13.77 18.99
C VAL A 418 13.49 13.50 18.49
N GLN A 419 14.46 13.48 19.40
CA GLN A 419 15.84 13.30 18.97
C GLN A 419 16.37 11.94 19.42
N MET A 420 17.29 11.38 18.62
CA MET A 420 17.88 10.07 18.87
C MET A 420 18.77 10.13 20.11
N ASP A 421 18.12 10.14 21.28
CA ASP A 421 18.84 10.06 22.54
C ASP A 421 19.50 8.70 22.74
N HIS A 422 19.13 7.70 21.93
CA HIS A 422 19.76 6.38 21.95
C HIS A 422 19.57 5.68 23.29
N LYS A 423 18.40 5.84 23.91
CA LYS A 423 18.18 5.14 25.16
C LYS A 423 16.78 4.53 25.23
N ASP A 424 16.68 3.48 26.04
CA ASP A 424 15.47 2.70 26.21
C ASP A 424 14.47 3.44 27.09
N ILE A 425 13.20 3.10 26.89
CA ILE A 425 12.07 3.82 27.43
C ILE A 425 11.06 2.78 27.89
N LYS A 426 10.33 3.08 28.96
CA LYS A 426 9.28 2.19 29.44
C LYS A 426 7.96 2.93 29.37
N VAL A 427 6.90 2.21 28.98
CA VAL A 427 5.58 2.80 28.87
C VAL A 427 4.55 1.71 29.12
N THR A 428 3.47 2.08 29.81
CA THR A 428 2.38 1.18 30.10
C THR A 428 1.19 1.64 29.28
N ALA A 429 0.68 0.76 28.41
CA ALA A 429 -0.29 1.18 27.41
C ALA A 429 -1.27 0.06 27.09
N LYS A 430 -2.46 0.46 26.67
CA LYS A 430 -3.46 -0.49 26.19
C LYS A 430 -3.20 -0.75 24.71
N ILE A 431 -3.31 -2.01 24.32
CA ILE A 431 -3.09 -2.38 22.92
C ILE A 431 -4.43 -2.33 22.21
N LEU A 432 -4.52 -1.45 21.19
CA LEU A 432 -5.76 -1.27 20.45
C LEU A 432 -5.90 -2.33 19.36
N SER A 433 -4.81 -2.64 18.69
CA SER A 433 -4.81 -3.64 17.64
C SER A 433 -3.37 -4.04 17.37
N ILE A 434 -3.21 -5.15 16.64
CA ILE A 434 -1.90 -5.62 16.22
C ILE A 434 -2.04 -6.13 14.80
N PHE A 435 -1.02 -5.86 13.98
CA PHE A 435 -1.09 -6.12 12.55
C PHE A 435 0.17 -6.84 12.08
N ASP A 436 -0.04 -7.88 11.27
CA ASP A 436 1.04 -8.54 10.55
C ASP A 436 1.06 -8.00 9.13
N ASN A 437 2.07 -7.20 8.80
CA ASN A 437 2.24 -6.60 7.49
C ASN A 437 3.29 -7.31 6.64
N GLY A 438 3.69 -8.52 7.00
CA GLY A 438 4.64 -9.26 6.20
C GLY A 438 6.10 -9.03 6.56
N ASN A 439 6.60 -7.83 6.30
CA ASN A 439 7.97 -7.49 6.67
C ASN A 439 8.01 -6.67 7.96
N ASN A 440 6.88 -6.51 8.64
CA ASN A 440 6.88 -5.89 9.95
C ASN A 440 5.63 -6.30 10.70
N VAL A 441 5.72 -6.20 12.02
CA VAL A 441 4.57 -6.27 12.91
C VAL A 441 4.34 -4.88 13.48
N THR A 442 3.11 -4.39 13.41
CA THR A 442 2.77 -3.05 13.89
C THR A 442 1.82 -3.18 15.07
N ILE A 443 2.10 -2.45 16.15
CA ILE A 443 1.26 -2.47 17.36
C ILE A 443 0.83 -1.05 17.70
N TYR A 444 -0.45 -0.87 17.99
CA TYR A 444 -1.00 0.44 18.30
C TYR A 444 -1.35 0.53 19.78
N LEU A 445 -0.85 1.58 20.42
CA LEU A 445 -0.95 1.78 21.86
C LEU A 445 -1.69 3.08 22.16
N THR A 446 -2.46 3.07 23.24
CA THR A 446 -3.07 4.28 23.79
C THR A 446 -2.99 4.21 25.31
N ARG A 447 -3.52 5.24 25.98
CA ARG A 447 -3.40 5.32 27.43
C ARG A 447 -4.09 4.13 28.10
N SER A 448 -3.44 3.57 29.12
CA SER A 448 -3.96 2.37 29.75
C SER A 448 -5.32 2.60 30.37
N GLY A 449 -5.59 3.82 30.84
CA GLY A 449 -6.81 4.10 31.56
C GLY A 449 -7.98 4.58 30.72
N MET A 450 -8.43 3.76 29.78
CA MET A 450 -9.70 4.02 29.10
C MET A 450 -10.47 2.71 28.99
N VAL A 451 -11.78 2.84 28.90
CA VAL A 451 -12.67 1.69 28.95
C VAL A 451 -12.66 0.98 27.60
N GLY A 452 -12.62 -0.37 27.64
CA GLY A 452 -12.68 -1.21 26.46
C GLY A 452 -11.71 -0.86 25.33
N THR A 453 -11.94 -1.37 24.11
CA THR A 453 -11.19 -0.89 22.95
C THR A 453 -12.07 -0.29 21.86
N GLN A 454 -13.38 -0.20 22.06
CA GLN A 454 -14.26 0.54 21.16
C GLN A 454 -14.17 2.00 21.54
N CYS A 455 -13.55 2.81 20.69
CA CYS A 455 -13.25 4.17 21.11
C CYS A 455 -12.79 4.97 19.90
N THR A 456 -12.87 6.28 20.04
CA THR A 456 -12.46 7.19 18.99
C THR A 456 -11.45 8.15 19.57
N ILE A 457 -10.25 8.12 19.01
CA ILE A 457 -9.13 8.92 19.47
C ILE A 457 -9.14 10.21 18.65
N GLU A 458 -9.55 11.30 19.28
CA GLU A 458 -9.57 12.59 18.58
C GLU A 458 -8.20 13.22 18.48
N ASN A 459 -7.34 13.01 19.48
CA ASN A 459 -6.00 13.56 19.36
C ASN A 459 -5.00 12.42 19.26
N PRO A 460 -4.77 11.87 18.07
CA PRO A 460 -3.79 10.77 17.95
C PRO A 460 -2.39 11.19 18.31
N PHE A 461 -2.03 12.46 18.09
CA PHE A 461 -0.69 12.89 18.43
C PHE A 461 -0.41 12.65 19.92
N GLU A 462 -1.36 13.00 20.79
CA GLU A 462 -1.14 12.81 22.22
C GLU A 462 -1.53 11.44 22.74
N GLU A 463 -2.48 10.75 22.09
CA GLU A 463 -3.07 9.54 22.66
C GLU A 463 -2.79 8.26 21.89
N LEU A 464 -2.05 8.29 20.79
CA LEU A 464 -1.88 7.11 19.96
C LEU A 464 -0.41 6.95 19.61
N LEU A 465 0.19 5.85 20.04
CA LEU A 465 1.57 5.52 19.73
C LEU A 465 1.60 4.20 18.96
N LYS A 466 2.26 4.23 17.80
CA LYS A 466 2.41 3.06 16.96
C LYS A 466 3.82 2.53 17.12
N VAL A 467 3.95 1.21 17.22
CA VAL A 467 5.22 0.59 17.56
C VAL A 467 5.39 -0.63 16.65
N GLN A 468 6.60 -0.82 16.12
CA GLN A 468 6.82 -1.75 15.02
C GLN A 468 8.02 -2.65 15.28
N ILE A 469 8.02 -3.81 14.62
CA ILE A 469 9.10 -4.77 14.67
C ILE A 469 9.50 -5.08 13.24
N TRP A 470 10.78 -4.88 12.91
CA TRP A 470 11.28 -5.10 11.56
C TRP A 470 12.56 -5.94 11.62
N GLY A 471 12.91 -6.52 10.46
CA GLY A 471 14.13 -7.30 10.33
C GLY A 471 13.96 -8.78 10.60
N ARG A 472 14.65 -9.61 9.82
CA ARG A 472 14.52 -11.06 9.95
C ARG A 472 14.76 -11.52 11.39
N GLN A 473 15.84 -11.05 12.01
CA GLN A 473 16.17 -11.52 13.35
C GLN A 473 15.10 -11.11 14.37
N ASN A 474 14.61 -9.87 14.26
CA ASN A 474 13.62 -9.38 15.22
C ASN A 474 12.29 -10.12 15.06
N LEU A 475 11.84 -10.32 13.82
CA LEU A 475 10.57 -11.01 13.60
C LEU A 475 10.69 -12.49 13.97
N THR A 476 11.87 -13.07 13.75
CA THR A 476 12.09 -14.45 14.16
C THR A 476 12.00 -14.60 15.67
N LEU A 477 12.58 -13.64 16.41
CA LEU A 477 12.43 -13.67 17.86
C LEU A 477 10.98 -13.45 18.27
N PHE A 478 10.29 -12.53 17.60
CA PHE A 478 8.89 -12.25 17.92
C PHE A 478 8.01 -13.48 17.74
N PHE A 479 8.08 -14.13 16.56
CA PHE A 479 7.24 -15.28 16.28
C PHE A 479 7.77 -16.58 16.87
N GLY A 480 9.04 -16.65 17.23
CA GLY A 480 9.65 -17.89 17.66
C GLY A 480 10.02 -18.84 16.55
N ASN A 481 9.96 -18.40 15.29
CA ASN A 481 10.11 -19.26 14.13
C ASN A 481 10.88 -18.50 13.07
N PRO A 482 11.86 -19.15 12.43
CA PRO A 482 12.42 -18.56 11.21
C PRO A 482 11.41 -18.39 10.09
N ASN A 483 10.25 -19.04 10.18
CA ASN A 483 9.29 -19.05 9.08
C ASN A 483 8.17 -18.05 9.23
N TYR A 484 8.18 -17.23 10.29
CA TYR A 484 7.08 -16.32 10.59
C TYR A 484 5.77 -17.09 10.67
N SER A 485 5.83 -18.30 11.21
CA SER A 485 4.63 -19.10 11.37
C SER A 485 3.95 -18.71 12.67
N TYR A 486 2.62 -18.60 12.62
CA TYR A 486 1.87 -18.32 13.82
C TYR A 486 0.41 -18.72 13.61
N LYS A 487 -0.23 -19.06 14.71
CA LYS A 487 -1.69 -19.13 14.78
C LYS A 487 -2.26 -17.72 14.87
N ARG A 488 -3.24 -17.42 14.02
CA ARG A 488 -3.77 -16.06 13.93
C ARG A 488 -4.47 -15.63 15.23
N GLU A 489 -5.18 -16.55 15.89
CA GLU A 489 -5.80 -16.15 17.16
C GLU A 489 -4.76 -15.88 18.25
N GLU A 490 -3.52 -16.34 18.08
CA GLU A 490 -2.52 -15.99 19.07
C GLU A 490 -1.92 -14.62 18.78
N LEU A 491 -1.85 -14.24 17.51
CA LEU A 491 -1.40 -12.91 17.15
C LEU A 491 -2.27 -11.83 17.81
N THR A 492 -3.59 -11.96 17.71
CA THR A 492 -4.47 -10.86 18.11
C THR A 492 -5.01 -11.00 19.53
N ALA A 493 -4.54 -11.99 20.29
CA ALA A 493 -5.05 -12.18 21.65
C ALA A 493 -4.71 -11.03 22.59
N CYS A 494 -3.64 -10.29 22.29
CA CYS A 494 -3.22 -9.22 23.17
C CYS A 494 -4.05 -7.96 22.98
N ILE A 495 -4.91 -7.92 21.95
CA ILE A 495 -5.80 -6.79 21.76
C ILE A 495 -6.59 -6.58 23.03
N GLY A 496 -6.52 -5.36 23.57
CA GLY A 496 -7.26 -5.01 24.76
C GLY A 496 -6.49 -5.21 26.05
N SER A 497 -5.32 -5.84 25.99
CA SER A 497 -4.51 -6.02 27.17
C SER A 497 -3.69 -4.75 27.43
N ILE A 498 -3.29 -4.57 28.69
CA ILE A 498 -2.43 -3.46 29.09
C ILE A 498 -1.06 -4.02 29.40
N VAL A 499 -0.03 -3.50 28.74
CA VAL A 499 1.28 -4.11 28.75
C VAL A 499 2.33 -3.09 29.18
N ASP A 500 3.35 -3.57 29.88
CA ASP A 500 4.55 -2.80 30.19
C ASP A 500 5.55 -3.03 29.06
N PHE A 501 5.66 -2.07 28.16
CA PHE A 501 6.62 -2.16 27.07
C PHE A 501 7.93 -1.51 27.45
N THR A 502 8.99 -1.95 26.80
CA THR A 502 10.26 -1.27 26.76
C THR A 502 10.54 -1.02 25.29
N LEU A 503 10.79 0.25 24.94
CA LEU A 503 10.93 0.67 23.55
C LEU A 503 12.31 1.25 23.32
N ILE A 504 12.84 1.04 22.12
CA ILE A 504 14.05 1.71 21.68
C ILE A 504 13.75 2.51 20.42
N PRO A 505 14.29 3.71 20.31
CA PRO A 505 14.14 4.45 19.06
C PRO A 505 14.98 3.78 17.98
N ARG A 506 14.38 3.63 16.81
CA ARG A 506 15.08 3.08 15.65
C ARG A 506 14.69 3.93 14.45
N VAL A 507 15.16 3.54 13.28
CA VAL A 507 15.09 4.43 12.12
C VAL A 507 14.72 3.63 10.88
N LEU A 508 13.92 4.25 10.00
CA LEU A 508 13.48 3.63 8.75
C LEU A 508 13.91 4.51 7.59
N ARG A 509 14.51 3.89 6.59
CA ARG A 509 15.00 4.62 5.43
C ARG A 509 13.85 4.94 4.49
N VAL A 510 13.63 6.23 4.20
CA VAL A 510 12.55 6.65 3.30
C VAL A 510 13.07 7.26 2.01
N ASN A 511 14.35 7.59 1.93
CA ASN A 511 15.02 7.97 0.69
C ASN A 511 16.51 7.63 0.86
N GLU A 512 17.29 7.80 -0.21
CA GLU A 512 18.66 7.33 -0.19
C GLU A 512 19.44 7.92 0.98
N TYR A 513 19.20 9.17 1.31
CA TYR A 513 19.88 9.82 2.42
C TYR A 513 18.89 10.47 3.38
N LEU A 514 17.70 9.88 3.54
CA LEU A 514 16.70 10.45 4.43
C LEU A 514 15.99 9.35 5.18
N TYR A 515 15.83 9.54 6.50
CA TYR A 515 15.25 8.55 7.38
C TYR A 515 14.14 9.18 8.22
N ILE A 516 13.27 8.32 8.76
CA ILE A 516 12.30 8.76 9.75
C ILE A 516 12.53 7.97 11.03
N LYS A 517 12.14 8.55 12.16
CA LYS A 517 12.30 7.92 13.46
C LYS A 517 11.04 7.15 13.83
N ILE A 518 11.22 5.98 14.43
CA ILE A 518 10.11 5.14 14.90
C ILE A 518 10.52 4.52 16.23
N TRP A 519 9.62 3.70 16.77
CA TRP A 519 9.79 3.08 18.08
C TRP A 519 9.62 1.57 17.92
N CYS A 520 10.52 0.82 18.56
CA CYS A 520 10.49 -0.63 18.45
C CYS A 520 10.47 -1.25 19.84
N PRO A 521 9.68 -2.28 20.06
CA PRO A 521 9.64 -2.92 21.37
C PRO A 521 10.74 -3.96 21.53
N ILE A 522 11.21 -4.09 22.78
CA ILE A 522 12.27 -5.03 23.17
C ILE A 522 11.65 -6.08 24.07
N TYR A 523 12.14 -7.32 23.96
CA TYR A 523 11.64 -8.43 24.77
C TYR A 523 10.16 -8.69 24.54
N ALA A 524 9.60 -8.23 23.44
CA ALA A 524 8.18 -8.44 23.17
C ALA A 524 8.05 -9.54 22.15
N THR A 525 7.42 -10.63 22.55
CA THR A 525 7.16 -11.75 21.67
C THR A 525 5.66 -12.04 21.64
N LEU A 526 5.22 -12.62 20.52
CA LEU A 526 3.87 -13.17 20.44
C LEU A 526 3.53 -13.94 21.70
N GLU A 527 4.46 -14.80 22.14
CA GLU A 527 4.24 -15.68 23.27
C GLU A 527 4.00 -14.90 24.56
N SER A 528 4.90 -13.97 24.88
CA SER A 528 4.76 -13.19 26.10
C SER A 528 3.46 -12.39 26.09
N LEU A 529 3.21 -11.71 24.96
CA LEU A 529 1.97 -10.95 24.81
C LEU A 529 0.76 -11.86 24.94
N LEU A 530 0.82 -13.02 24.27
CA LEU A 530 -0.25 -14.00 24.38
C LEU A 530 -0.49 -14.38 25.83
N ILE A 531 0.52 -14.97 26.50
CA ILE A 531 0.28 -15.52 27.84
C ILE A 531 -0.04 -14.40 28.83
N HIS A 532 0.67 -13.27 28.75
CA HIS A 532 0.31 -12.11 29.58
C HIS A 532 -1.18 -11.79 29.44
N SER A 533 -1.66 -11.74 28.20
CA SER A 533 -3.07 -11.46 27.95
C SER A 533 -3.97 -12.44 28.67
N ARG A 534 -3.64 -13.74 28.63
CA ARG A 534 -4.47 -14.70 29.37
C ARG A 534 -4.35 -14.48 30.87
N LEU A 535 -3.13 -14.28 31.39
CA LEU A 535 -3.01 -14.06 32.83
C LEU A 535 -3.78 -12.82 33.26
N GLU A 536 -3.64 -11.72 32.51
CA GLU A 536 -4.34 -10.49 32.87
C GLU A 536 -5.85 -10.67 32.85
N TYR A 537 -6.37 -11.39 31.85
CA TYR A 537 -7.80 -11.67 31.85
C TYR A 537 -8.21 -12.44 33.11
N ASP A 538 -7.45 -13.49 33.45
CA ASP A 538 -7.76 -14.30 34.62
C ASP A 538 -7.71 -13.47 35.90
N ASN A 539 -6.73 -12.56 36.01
CA ASN A 539 -6.66 -11.69 37.18
C ASN A 539 -7.89 -10.80 37.28
N ASP A 540 -8.31 -10.22 36.16
CA ASP A 540 -9.52 -9.38 36.17
C ASP A 540 -10.78 -10.21 36.40
N THR A 541 -10.76 -11.48 36.02
CA THR A 541 -11.96 -12.31 36.10
C THR A 541 -11.89 -13.22 37.31
N ARG B 150 1.65 -26.71 -2.31
CA ARG B 150 0.49 -26.83 -1.44
C ARG B 150 0.80 -27.80 -0.29
N SER B 151 0.92 -27.27 0.93
CA SER B 151 1.15 -28.10 2.10
C SER B 151 -0.18 -28.67 2.60
N ALA B 152 -0.27 -30.00 2.67
CA ALA B 152 -1.51 -30.68 2.96
C ALA B 152 -2.05 -30.32 4.35
N LEU B 153 -3.37 -30.45 4.51
CA LEU B 153 -4.07 -30.02 5.72
C LEU B 153 -5.19 -31.02 6.03
N PRO B 154 -4.84 -32.21 6.52
CA PRO B 154 -5.87 -33.18 6.88
C PRO B 154 -6.56 -32.76 8.17
N THR B 155 -7.68 -33.44 8.44
CA THR B 155 -8.45 -33.20 9.63
C THR B 155 -7.58 -33.40 10.87
N PRO B 156 -7.46 -32.41 11.75
CA PRO B 156 -6.65 -32.60 12.95
C PRO B 156 -7.23 -33.72 13.80
N LYS B 157 -6.34 -34.47 14.45
CA LYS B 157 -6.77 -35.59 15.28
C LYS B 157 -7.68 -35.12 16.42
N GLU B 158 -7.44 -33.92 16.96
CA GLU B 158 -8.30 -33.41 18.03
C GLU B 158 -9.75 -33.29 17.58
N VAL B 159 -9.98 -32.88 16.33
CA VAL B 159 -11.34 -32.75 15.82
C VAL B 159 -12.01 -34.12 15.69
N THR B 160 -11.30 -35.06 15.07
CA THR B 160 -11.83 -36.40 14.87
C THR B 160 -12.16 -37.07 16.19
N PHE B 161 -11.25 -36.96 17.16
CA PHE B 161 -11.42 -37.64 18.44
C PHE B 161 -12.47 -36.95 19.28
N THR B 162 -12.47 -35.61 19.30
CA THR B 162 -13.51 -34.89 20.03
C THR B 162 -14.88 -35.19 19.46
N GLU B 163 -15.02 -35.11 18.14
CA GLU B 163 -16.32 -35.39 17.54
C GLU B 163 -16.69 -36.87 17.64
N ASN B 164 -15.72 -37.76 17.89
CA ASN B 164 -16.05 -39.15 18.15
C ASN B 164 -16.96 -39.29 19.37
N LYS B 165 -16.62 -38.58 20.45
CA LYS B 165 -17.37 -38.60 21.71
C LYS B 165 -18.29 -37.40 21.89
N PHE B 166 -18.09 -36.33 21.12
CA PHE B 166 -19.04 -35.22 21.02
C PHE B 166 -19.65 -35.25 19.63
N PRO B 167 -20.60 -36.13 19.35
CA PRO B 167 -21.08 -36.29 17.98
C PRO B 167 -21.83 -35.06 17.47
N LEU B 168 -21.69 -34.82 16.16
CA LEU B 168 -22.39 -33.75 15.46
C LEU B 168 -23.89 -34.04 15.41
N VAL B 169 -24.69 -33.10 15.93
CA VAL B 169 -26.14 -33.23 15.92
C VAL B 169 -26.75 -31.87 15.64
N ARG B 170 -27.93 -31.89 15.04
CA ARG B 170 -28.81 -30.74 15.12
C ARG B 170 -29.38 -30.63 16.52
N VAL B 171 -29.76 -29.41 16.91
CA VAL B 171 -30.42 -29.19 18.19
C VAL B 171 -31.61 -30.12 18.35
N SER B 172 -32.35 -30.36 17.27
CA SER B 172 -33.51 -31.24 17.36
C SER B 172 -33.13 -32.65 17.78
N ASN B 173 -31.88 -33.06 17.58
CA ASN B 173 -31.43 -34.41 17.95
C ASN B 173 -30.91 -34.51 19.39
N ILE B 174 -30.85 -33.42 20.15
CA ILE B 174 -30.26 -33.47 21.49
C ILE B 174 -31.20 -34.21 22.43
N VAL B 175 -30.73 -35.32 22.98
CA VAL B 175 -31.50 -36.11 23.97
C VAL B 175 -31.17 -35.55 25.35
N PRO B 176 -32.11 -34.86 26.01
CA PRO B 176 -31.83 -34.39 27.36
C PRO B 176 -32.06 -35.48 28.39
N SER B 177 -31.16 -35.58 29.36
CA SER B 177 -31.32 -36.54 30.44
C SER B 177 -30.62 -36.04 31.70
N ALA B 178 -30.81 -36.79 32.79
CA ALA B 178 -30.22 -36.42 34.07
C ALA B 178 -28.70 -36.50 34.02
N SER B 179 -28.17 -37.50 33.32
CA SER B 179 -26.73 -37.60 33.14
C SER B 179 -26.29 -36.80 31.92
N SER B 180 -25.05 -36.32 31.96
CA SER B 180 -24.54 -35.46 30.91
C SER B 180 -24.33 -36.24 29.62
N ARG B 181 -24.88 -35.73 28.53
CA ARG B 181 -24.60 -36.18 27.18
C ARG B 181 -23.81 -35.10 26.45
N TYR B 182 -22.94 -35.52 25.53
CA TYR B 182 -21.95 -34.63 24.95
C TYR B 182 -22.13 -34.53 23.44
N TYR B 183 -22.00 -33.31 22.92
CA TYR B 183 -22.43 -33.01 21.56
C TYR B 183 -21.56 -31.93 20.94
N THR B 184 -21.50 -31.95 19.61
CA THR B 184 -20.99 -30.84 18.83
C THR B 184 -22.15 -30.27 18.03
N VAL B 185 -22.37 -28.97 18.13
CA VAL B 185 -23.44 -28.30 17.40
C VAL B 185 -22.87 -27.08 16.67
N ILE B 186 -23.26 -26.94 15.40
CA ILE B 186 -22.94 -25.76 14.61
C ILE B 186 -24.16 -24.85 14.60
N GLY B 187 -24.02 -23.62 15.12
CA GLY B 187 -25.17 -22.78 15.36
C GLY B 187 -24.86 -21.32 15.14
N LEU B 188 -25.94 -20.53 15.04
CA LEU B 188 -25.85 -19.08 15.01
C LEU B 188 -25.89 -18.51 16.43
N ALA B 189 -24.91 -17.67 16.78
CA ALA B 189 -24.90 -17.02 18.09
C ALA B 189 -25.96 -15.93 18.13
N VAL B 190 -26.92 -16.05 19.03
CA VAL B 190 -28.06 -15.16 19.09
C VAL B 190 -27.87 -14.05 20.13
N THR B 191 -27.47 -14.42 21.34
CA THR B 191 -27.34 -13.43 22.41
C THR B 191 -26.05 -13.66 23.18
N VAL B 192 -25.58 -12.58 23.81
CA VAL B 192 -24.51 -12.62 24.81
C VAL B 192 -24.96 -11.73 25.96
N LYS B 193 -24.82 -12.22 27.18
CA LYS B 193 -25.30 -11.51 28.36
C LYS B 193 -24.50 -11.95 29.57
N TYR B 194 -24.10 -10.96 30.38
CA TYR B 194 -23.41 -11.21 31.63
C TYR B 194 -24.05 -10.37 32.73
N THR B 195 -24.61 -11.04 33.74
CA THR B 195 -25.13 -10.35 34.91
C THR B 195 -24.01 -10.00 35.89
N GLY B 196 -23.08 -10.92 36.11
CA GLY B 196 -22.05 -10.79 37.13
C GLY B 196 -21.86 -12.09 37.89
N GLY B 197 -22.53 -13.14 37.43
CA GLY B 197 -22.45 -14.45 38.06
C GLY B 197 -21.23 -15.22 37.60
N LYS B 198 -21.28 -16.54 37.79
CA LYS B 198 -20.12 -17.38 37.55
C LYS B 198 -20.09 -17.94 36.13
N THR B 199 -21.13 -17.71 35.34
CA THR B 199 -21.11 -18.08 33.93
C THR B 199 -21.52 -16.88 33.09
N LEU B 200 -21.22 -17.00 31.80
CA LEU B 200 -21.62 -16.04 30.77
C LEU B 200 -22.61 -16.73 29.86
N VAL B 201 -23.61 -15.98 29.39
CA VAL B 201 -24.67 -16.55 28.55
C VAL B 201 -24.32 -16.30 27.09
N LEU B 202 -24.16 -17.38 26.33
CA LEU B 202 -23.97 -17.31 24.88
C LEU B 202 -24.98 -18.28 24.28
N SER B 203 -26.14 -17.75 23.89
CA SER B 203 -27.24 -18.56 23.40
C SER B 203 -27.15 -18.68 21.88
N PHE B 204 -27.72 -19.75 21.35
CA PHE B 204 -27.55 -20.00 19.93
C PHE B 204 -28.79 -20.69 19.40
N THR B 205 -28.83 -20.86 18.07
CA THR B 205 -29.92 -21.57 17.43
C THR B 205 -29.43 -22.32 16.20
N ASP B 206 -30.18 -23.38 15.90
CA ASP B 206 -30.03 -24.23 14.73
C ASP B 206 -31.11 -23.99 13.70
N PHE B 207 -32.19 -23.31 14.08
CA PHE B 207 -33.48 -23.31 13.38
C PHE B 207 -34.13 -24.69 13.38
N THR B 208 -33.68 -25.59 14.26
CA THR B 208 -34.34 -26.85 14.54
C THR B 208 -34.85 -26.80 15.97
N ALA B 209 -36.02 -27.40 16.18
CA ALA B 209 -36.73 -27.28 17.45
C ALA B 209 -36.41 -28.48 18.35
N ASN B 210 -36.46 -28.23 19.66
CA ASN B 210 -36.26 -29.25 20.68
C ASN B 210 -37.26 -28.93 21.77
N PRO B 211 -38.07 -29.91 22.19
CA PRO B 211 -39.14 -29.62 23.17
C PRO B 211 -38.65 -29.16 24.53
N LYS B 212 -37.46 -29.60 24.96
CA LYS B 212 -36.89 -29.14 26.23
C LYS B 212 -36.13 -27.82 26.13
N VAL B 213 -36.01 -27.26 24.92
CA VAL B 213 -35.36 -25.96 24.74
C VAL B 213 -36.43 -24.88 24.85
N ASN B 214 -36.16 -23.85 25.66
CA ASN B 214 -37.13 -22.77 25.87
C ASN B 214 -36.38 -21.56 26.43
N TYR B 215 -36.12 -20.58 25.56
CA TYR B 215 -35.44 -19.36 25.95
C TYR B 215 -35.87 -18.27 24.96
N GLY B 216 -36.81 -17.43 25.38
CA GLY B 216 -37.39 -16.41 24.54
C GLY B 216 -36.85 -15.01 24.75
N TYR B 217 -35.75 -14.85 25.48
CA TYR B 217 -35.21 -13.54 25.82
C TYR B 217 -34.35 -13.04 24.67
N ASP B 218 -34.75 -11.92 24.07
CA ASP B 218 -34.11 -11.37 22.86
C ASP B 218 -34.08 -12.39 21.73
N SER B 219 -35.15 -13.19 21.62
CA SER B 219 -35.26 -14.27 20.66
C SER B 219 -35.74 -13.74 19.31
N PHE B 220 -34.83 -13.08 18.59
CA PHE B 220 -35.18 -12.60 17.26
C PHE B 220 -33.97 -12.64 16.33
N LEU B 221 -34.28 -12.71 15.03
CA LEU B 221 -33.28 -12.72 13.97
C LEU B 221 -33.26 -11.35 13.27
N GLY B 222 -32.23 -10.56 13.55
CA GLY B 222 -32.03 -9.36 12.77
C GLY B 222 -32.88 -8.18 13.20
N SER B 223 -34.20 -8.38 13.23
CA SER B 223 -35.15 -7.35 13.63
C SER B 223 -36.16 -7.94 14.61
N PHE B 224 -36.77 -7.07 15.43
CA PHE B 224 -37.80 -7.49 16.37
C PHE B 224 -38.96 -8.23 15.70
N GLN B 225 -39.28 -7.89 14.44
CA GLN B 225 -40.38 -8.55 13.74
C GLN B 225 -40.12 -10.05 13.60
N GLU B 226 -38.93 -10.42 13.15
CA GLU B 226 -38.63 -11.82 12.85
C GLU B 226 -38.19 -12.52 14.13
N ARG B 227 -39.09 -13.30 14.72
CA ARG B 227 -38.84 -13.93 16.02
C ARG B 227 -38.23 -15.32 15.83
N ILE B 228 -37.29 -15.68 16.69
CA ILE B 228 -36.77 -17.03 16.76
C ILE B 228 -37.63 -17.79 17.77
N PRO B 229 -38.30 -18.86 17.36
CA PRO B 229 -39.15 -19.62 18.29
C PRO B 229 -38.40 -20.03 19.55
N GLU B 230 -39.09 -19.92 20.69
CA GLU B 230 -38.46 -20.19 21.97
C GLU B 230 -37.88 -21.61 22.06
N ASN B 231 -38.50 -22.59 21.38
CA ASN B 231 -37.99 -23.97 21.36
C ASN B 231 -36.87 -24.18 20.34
N GLU B 232 -36.46 -23.13 19.62
CA GLU B 232 -35.29 -23.18 18.75
C GLU B 232 -34.11 -22.39 19.32
N HIS B 233 -34.32 -21.65 20.39
CA HIS B 233 -33.33 -20.74 20.96
C HIS B 233 -32.69 -21.43 22.18
N VAL B 234 -31.53 -22.04 21.97
CA VAL B 234 -30.86 -22.82 23.01
C VAL B 234 -30.16 -21.85 23.96
N HIS B 235 -30.67 -21.76 25.19
CA HIS B 235 -29.93 -21.11 26.27
C HIS B 235 -28.69 -21.94 26.59
N ALA B 236 -27.55 -21.26 26.71
CA ALA B 236 -26.29 -21.95 26.96
C ALA B 236 -25.39 -21.06 27.80
N LEU B 237 -24.42 -21.68 28.47
CA LEU B 237 -23.57 -21.01 29.43
C LEU B 237 -22.11 -21.34 29.18
N ILE B 238 -21.23 -20.37 29.46
CA ILE B 238 -19.78 -20.60 29.46
C ILE B 238 -19.26 -20.23 30.85
N TYR B 239 -18.55 -21.16 31.48
CA TYR B 239 -17.81 -20.85 32.69
C TYR B 239 -16.84 -19.70 32.43
N LEU B 240 -16.66 -18.84 33.44
CA LEU B 240 -15.96 -17.58 33.22
C LEU B 240 -14.55 -17.78 32.67
N ASN B 241 -13.84 -18.82 33.13
CA ASN B 241 -12.47 -18.98 32.68
C ASN B 241 -12.37 -19.33 31.19
N ARG B 242 -13.35 -20.07 30.65
CA ARG B 242 -13.31 -20.46 29.25
C ARG B 242 -13.74 -19.36 28.30
N VAL B 243 -14.19 -18.21 28.82
CA VAL B 243 -14.61 -17.14 27.91
C VAL B 243 -13.41 -16.61 27.11
N GLU B 244 -12.24 -16.52 27.77
CA GLU B 244 -11.10 -15.88 27.11
C GLU B 244 -10.75 -16.58 25.81
N SER B 245 -10.93 -17.91 25.75
CA SER B 245 -10.62 -18.63 24.51
C SER B 245 -11.52 -18.17 23.37
N LEU B 246 -12.83 -18.05 23.63
CA LEU B 246 -13.74 -17.49 22.65
C LEU B 246 -13.27 -16.11 22.19
N ASN B 247 -12.92 -15.24 23.15
CA ASN B 247 -12.42 -13.93 22.81
C ASN B 247 -11.28 -14.03 21.82
N GLU B 248 -10.29 -14.88 22.11
CA GLU B 248 -9.11 -14.95 21.26
C GLU B 248 -9.51 -15.36 19.86
N LYS B 249 -10.32 -16.42 19.76
CA LYS B 249 -10.76 -16.89 18.45
C LYS B 249 -11.59 -15.84 17.73
N LEU B 250 -12.58 -15.26 18.41
CA LEU B 250 -13.44 -14.21 17.84
C LEU B 250 -12.63 -12.97 17.46
N GLN B 251 -11.75 -12.50 18.36
CA GLN B 251 -10.86 -11.37 18.06
C GLN B 251 -10.03 -11.61 16.82
N SER B 252 -9.69 -12.87 16.50
CA SER B 252 -8.85 -13.09 15.33
C SER B 252 -9.61 -12.80 14.04
N ILE B 253 -10.94 -12.73 14.13
CA ILE B 253 -11.79 -12.48 12.98
C ILE B 253 -12.35 -11.05 12.98
N ILE B 254 -12.78 -10.53 14.13
CA ILE B 254 -13.46 -9.24 14.19
C ILE B 254 -12.70 -8.22 15.03
N LYS B 255 -11.51 -8.57 15.54
CA LYS B 255 -10.60 -7.63 16.24
C LYS B 255 -11.18 -7.05 17.52
N MET B 256 -12.13 -7.77 18.13
CA MET B 256 -12.82 -7.29 19.32
C MET B 256 -13.44 -8.50 19.99
N GLY B 257 -13.76 -8.37 21.28
CA GLY B 257 -14.18 -9.51 22.05
C GLY B 257 -15.66 -9.85 21.94
N LEU B 258 -16.04 -10.93 22.64
CA LEU B 258 -17.41 -11.41 22.60
C LEU B 258 -18.41 -10.39 23.16
N MET B 259 -18.13 -9.84 24.35
CA MET B 259 -19.05 -8.94 25.03
C MET B 259 -19.30 -7.64 24.27
N GLU B 260 -18.42 -7.24 23.36
CA GLU B 260 -18.62 -5.99 22.65
C GLU B 260 -19.64 -6.11 21.47
N CYS B 261 -20.43 -7.19 21.40
CA CYS B 261 -21.05 -7.60 20.15
C CYS B 261 -22.51 -7.18 19.89
N ALA B 262 -23.52 -7.23 20.79
CA ALA B 262 -23.77 -6.86 22.19
C ALA B 262 -23.90 -5.32 22.33
N ASP B 263 -24.00 -4.59 21.20
CA ASP B 263 -23.85 -3.14 21.17
C ASP B 263 -25.13 -2.36 20.82
N LYS B 264 -26.31 -2.98 20.81
CA LYS B 264 -27.51 -2.29 20.38
C LYS B 264 -28.53 -2.12 21.50
N GLY B 265 -28.07 -2.16 22.76
CA GLY B 265 -28.98 -1.96 23.87
C GLY B 265 -29.80 -3.17 24.26
N ASN B 266 -29.41 -4.35 23.77
CA ASN B 266 -29.97 -5.61 24.23
C ASN B 266 -28.89 -6.66 23.99
N SER B 267 -29.21 -7.92 24.31
CA SER B 267 -28.20 -8.97 24.23
C SER B 267 -28.10 -9.57 22.83
N ASN B 268 -28.96 -9.21 21.91
CA ASN B 268 -29.02 -9.88 20.62
C ASN B 268 -27.86 -9.44 19.74
N ILE B 269 -27.18 -10.41 19.13
CA ILE B 269 -26.02 -10.15 18.31
C ILE B 269 -26.22 -10.73 16.90
N THR B 270 -27.47 -11.04 16.54
CA THR B 270 -27.76 -11.63 15.24
C THR B 270 -27.45 -10.69 14.09
N HIS B 271 -27.36 -9.37 14.34
CA HIS B 271 -26.95 -8.47 13.28
C HIS B 271 -25.53 -8.73 12.80
N ARG B 272 -24.76 -9.56 13.52
CA ARG B 272 -23.39 -9.87 13.16
C ARG B 272 -23.22 -11.25 12.55
N SER B 273 -24.26 -12.09 12.62
CA SER B 273 -24.31 -13.39 11.96
C SER B 273 -23.11 -14.26 12.33
N ILE B 274 -22.79 -14.28 13.62
CA ILE B 274 -21.64 -15.03 14.12
C ILE B 274 -22.03 -16.51 14.25
N ILE B 275 -21.23 -17.39 13.65
CA ILE B 275 -21.48 -18.82 13.64
C ILE B 275 -20.35 -19.52 14.38
N PHE B 276 -20.70 -20.44 15.27
CA PHE B 276 -19.73 -21.21 16.03
C PHE B 276 -19.94 -22.71 15.81
N LYS B 277 -18.84 -23.45 15.89
CA LYS B 277 -18.93 -24.86 16.26
C LYS B 277 -18.86 -24.92 17.77
N PHE B 278 -19.99 -25.26 18.39
CA PHE B 278 -20.09 -25.37 19.83
C PHE B 278 -19.82 -26.82 20.25
N THR B 279 -18.85 -27.02 21.14
CA THR B 279 -18.65 -28.29 21.82
C THR B 279 -19.34 -28.19 23.17
N VAL B 280 -20.44 -28.91 23.35
CA VAL B 280 -21.31 -28.63 24.49
C VAL B 280 -21.51 -29.87 25.35
N LYS B 281 -21.93 -29.61 26.58
CA LYS B 281 -22.45 -30.59 27.52
C LYS B 281 -23.90 -30.25 27.80
N CYS B 282 -24.77 -31.26 27.69
CA CYS B 282 -26.20 -31.09 27.91
C CYS B 282 -26.70 -32.03 29.00
N GLN B 283 -27.66 -31.56 29.78
CA GLN B 283 -28.08 -32.22 31.01
C GLN B 283 -29.26 -31.44 31.56
N LEU B 284 -30.44 -32.07 31.66
CA LEU B 284 -31.58 -31.36 32.25
C LEU B 284 -31.39 -31.24 33.76
N PHE B 285 -31.71 -30.06 34.27
CA PHE B 285 -31.42 -29.68 35.66
C PHE B 285 -32.54 -28.77 36.11
N GLN B 286 -33.19 -29.13 37.21
CA GLN B 286 -34.36 -28.39 37.71
C GLN B 286 -35.42 -28.25 36.61
N GLY B 287 -35.57 -29.31 35.82
CA GLY B 287 -36.63 -29.39 34.85
C GLY B 287 -36.39 -28.74 33.51
N LYS B 288 -35.27 -28.03 33.34
CA LYS B 288 -34.95 -27.41 32.06
C LYS B 288 -33.63 -27.95 31.53
N LEU B 289 -33.38 -27.71 30.25
CA LEU B 289 -32.18 -28.24 29.61
C LEU B 289 -31.01 -27.29 29.85
N ASN B 290 -30.03 -27.75 30.61
CA ASN B 290 -28.82 -26.96 30.87
C ASN B 290 -27.75 -27.30 29.85
N THR B 291 -27.25 -26.28 29.16
CA THR B 291 -26.24 -26.43 28.12
C THR B 291 -25.04 -25.58 28.47
N VAL B 292 -23.87 -26.20 28.48
CA VAL B 292 -22.61 -25.58 28.85
C VAL B 292 -21.69 -25.69 27.65
N ILE B 293 -21.21 -24.54 27.17
CA ILE B 293 -20.32 -24.52 26.02
C ILE B 293 -18.90 -24.78 26.53
N LEU B 294 -18.42 -26.01 26.38
CA LEU B 294 -17.04 -26.30 26.74
C LEU B 294 -16.06 -25.65 25.75
N ASP B 295 -16.38 -25.67 24.45
CA ASP B 295 -15.53 -25.05 23.45
C ASP B 295 -16.39 -24.42 22.36
N ALA B 296 -15.89 -23.36 21.76
CA ALA B 296 -16.60 -22.65 20.72
C ALA B 296 -15.59 -22.22 19.66
N ASP B 297 -15.75 -22.73 18.43
CA ASP B 297 -14.87 -22.33 17.34
C ASP B 297 -15.65 -21.54 16.31
N PRO B 298 -15.25 -20.29 16.02
CA PRO B 298 -15.94 -19.54 14.98
C PRO B 298 -15.71 -20.20 13.65
N ILE B 299 -16.74 -20.19 12.80
CA ILE B 299 -16.70 -20.89 11.51
C ILE B 299 -16.92 -19.87 10.42
N THR B 300 -15.89 -19.65 9.63
CA THR B 300 -15.79 -18.70 8.54
C THR B 300 -15.74 -19.46 7.22
N PRO B 301 -16.11 -18.85 6.09
CA PRO B 301 -15.87 -19.52 4.81
C PRO B 301 -14.41 -19.90 4.60
N THR B 302 -13.48 -19.18 5.25
CA THR B 302 -12.06 -19.49 5.24
C THR B 302 -11.68 -20.57 6.25
N THR B 303 -12.53 -20.86 7.22
CA THR B 303 -12.21 -21.88 8.21
C THR B 303 -12.34 -23.27 7.59
N PRO B 304 -11.26 -24.06 7.53
CA PRO B 304 -11.42 -25.45 7.10
C PRO B 304 -12.40 -26.20 7.98
N VAL B 305 -13.27 -26.98 7.34
CA VAL B 305 -14.22 -27.85 8.02
C VAL B 305 -14.13 -29.22 7.38
N THR B 306 -14.70 -30.20 8.07
CA THR B 306 -14.85 -31.54 7.53
C THR B 306 -16.14 -31.65 6.70
N THR B 307 -16.22 -32.73 5.94
CA THR B 307 -17.40 -32.97 5.12
C THR B 307 -18.65 -33.12 5.96
N GLU B 308 -18.51 -33.76 7.13
CA GLU B 308 -19.65 -33.95 8.01
C GLU B 308 -20.06 -32.65 8.69
N GLU B 309 -19.09 -31.79 9.02
CA GLU B 309 -19.47 -30.49 9.58
C GLU B 309 -20.14 -29.62 8.53
N TYR B 310 -19.74 -29.77 7.25
CA TYR B 310 -20.35 -28.95 6.22
C TYR B 310 -21.81 -29.31 6.01
N LYS B 311 -22.19 -30.57 6.29
CA LYS B 311 -23.59 -30.98 6.18
C LYS B 311 -24.47 -30.30 7.21
N LEU B 312 -23.87 -29.74 8.25
CA LEU B 312 -24.61 -28.94 9.20
C LEU B 312 -24.43 -27.45 8.95
N LEU B 313 -23.24 -27.04 8.50
CA LEU B 313 -22.98 -25.63 8.26
C LEU B 313 -23.74 -25.10 7.05
N LYS B 314 -23.77 -25.86 5.96
CA LYS B 314 -24.40 -25.32 4.74
C LYS B 314 -25.89 -25.05 4.92
N PRO B 315 -26.72 -25.96 5.47
CA PRO B 315 -28.12 -25.57 5.74
C PRO B 315 -28.23 -24.40 6.68
N LEU B 316 -27.36 -24.34 7.71
CA LEU B 316 -27.41 -23.24 8.65
C LEU B 316 -27.25 -21.90 7.94
N ARG B 317 -26.15 -21.73 7.20
CA ARG B 317 -25.90 -20.49 6.48
C ARG B 317 -27.04 -20.16 5.52
N ASN B 318 -27.48 -21.14 4.72
CA ASN B 318 -28.57 -20.91 3.79
C ASN B 318 -29.83 -20.48 4.52
N LYS B 319 -30.05 -20.99 5.73
CA LYS B 319 -31.21 -20.58 6.50
C LYS B 319 -31.04 -19.18 7.08
N ILE B 320 -29.83 -18.84 7.51
CA ILE B 320 -29.58 -17.48 7.96
C ILE B 320 -29.84 -16.49 6.83
N PHE B 321 -29.25 -16.74 5.66
CA PHE B 321 -29.35 -15.81 4.54
C PHE B 321 -30.79 -15.71 4.03
N LYS B 322 -31.53 -16.83 4.03
CA LYS B 322 -32.92 -16.83 3.58
C LYS B 322 -33.88 -16.20 4.58
N ARG B 323 -33.59 -16.33 5.88
CA ARG B 323 -34.53 -15.88 6.90
C ARG B 323 -34.12 -14.57 7.55
N MET B 324 -32.90 -14.11 7.33
CA MET B 324 -32.51 -12.78 7.76
C MET B 324 -33.27 -11.75 6.92
N PRO B 325 -33.88 -10.74 7.54
CA PRO B 325 -34.53 -9.68 6.75
C PRO B 325 -33.55 -9.01 5.78
N SER B 326 -33.98 -8.89 4.52
CA SER B 326 -33.16 -8.31 3.47
C SER B 326 -32.52 -6.98 3.86
N GLU B 327 -33.27 -6.11 4.56
CA GLU B 327 -32.74 -4.80 4.96
C GLU B 327 -31.58 -4.96 5.92
N VAL B 328 -31.64 -5.96 6.80
CA VAL B 328 -30.58 -6.12 7.79
C VAL B 328 -29.32 -6.66 7.14
N ILE B 329 -29.46 -7.59 6.19
CA ILE B 329 -28.29 -8.03 5.44
C ILE B 329 -27.64 -6.84 4.76
N GLN B 330 -28.45 -5.89 4.27
CA GLN B 330 -27.89 -4.76 3.54
C GLN B 330 -27.21 -3.76 4.49
N LEU B 331 -27.85 -3.42 5.60
CA LEU B 331 -27.21 -2.49 6.55
C LEU B 331 -25.97 -3.08 7.22
N TYR B 332 -25.83 -4.40 7.26
CA TYR B 332 -24.74 -5.05 8.00
C TYR B 332 -23.96 -5.99 7.10
N THR B 333 -23.79 -5.60 5.85
CA THR B 333 -23.23 -6.51 4.85
C THR B 333 -21.78 -6.86 5.18
N LEU B 334 -20.97 -5.88 5.56
CA LEU B 334 -19.55 -6.16 5.75
C LEU B 334 -19.33 -6.95 7.04
N THR B 335 -20.02 -6.56 8.11
CA THR B 335 -20.02 -7.31 9.37
C THR B 335 -20.38 -8.77 9.16
N MET B 336 -21.45 -9.03 8.42
CA MET B 336 -21.87 -10.41 8.21
C MET B 336 -20.97 -11.15 7.23
N SER B 337 -20.26 -10.44 6.33
CA SER B 337 -19.30 -11.05 5.41
C SER B 337 -18.27 -11.94 6.10
N ARG B 338 -17.92 -11.63 7.35
CA ARG B 338 -16.97 -12.46 8.09
C ARG B 338 -17.44 -13.90 8.22
N PHE B 339 -18.76 -14.14 8.23
CA PHE B 339 -19.31 -15.47 8.43
C PHE B 339 -20.21 -15.96 7.28
N LEU B 340 -21.05 -15.10 6.73
CA LEU B 340 -21.79 -15.51 5.55
C LEU B 340 -20.95 -15.26 4.30
N PRO B 341 -20.87 -16.20 3.37
CA PRO B 341 -20.10 -15.94 2.15
C PRO B 341 -20.82 -15.01 1.20
N ILE B 342 -20.76 -13.71 1.48
CA ILE B 342 -21.40 -12.69 0.66
C ILE B 342 -20.31 -11.87 -0.02
N SER B 343 -20.64 -11.29 -1.17
CA SER B 343 -19.76 -10.29 -1.75
C SER B 343 -19.71 -9.08 -0.83
N LYS B 344 -18.50 -8.58 -0.60
CA LYS B 344 -18.28 -7.48 0.34
C LYS B 344 -18.49 -6.15 -0.39
N ASN B 345 -19.74 -5.97 -0.81
CA ASN B 345 -20.18 -4.82 -1.61
C ASN B 345 -21.29 -4.16 -0.78
N ARG B 346 -20.90 -3.16 0.01
CA ARG B 346 -21.79 -2.51 0.96
C ARG B 346 -22.99 -1.87 0.25
N PRO B 351 -27.58 -9.04 -3.39
CA PRO B 351 -27.06 -9.98 -2.39
C PRO B 351 -27.19 -11.44 -2.83
N GLN B 352 -26.04 -12.12 -2.97
CA GLN B 352 -25.99 -13.49 -3.48
C GLN B 352 -25.07 -14.32 -2.60
N LEU B 353 -25.56 -15.49 -2.17
CA LEU B 353 -24.82 -16.34 -1.25
C LEU B 353 -23.86 -17.21 -2.05
N LEU B 354 -22.57 -16.86 -2.03
CA LEU B 354 -21.58 -17.55 -2.84
C LEU B 354 -21.32 -18.93 -2.27
N GLN B 355 -21.36 -19.96 -3.13
CA GLN B 355 -21.15 -21.33 -2.68
C GLN B 355 -19.65 -21.62 -2.65
N GLU B 356 -19.02 -21.15 -1.57
CA GLU B 356 -17.58 -21.31 -1.35
C GLU B 356 -17.34 -21.75 0.10
N GLN B 357 -16.25 -22.50 0.31
CA GLN B 357 -15.94 -23.06 1.62
C GLN B 357 -14.57 -23.73 1.66
N ALA B 358 -13.78 -23.44 2.70
CA ALA B 358 -12.53 -24.18 2.92
C ALA B 358 -12.83 -25.54 3.55
N PHE B 359 -12.12 -26.58 3.08
CA PHE B 359 -12.28 -27.92 3.62
C PHE B 359 -10.93 -28.51 4.02
N TYR B 360 -10.97 -29.41 5.00
CA TYR B 360 -9.84 -30.30 5.19
C TYR B 360 -9.81 -31.33 4.05
N ASP B 361 -8.63 -31.91 3.83
CA ASP B 361 -8.45 -32.92 2.77
C ASP B 361 -9.34 -34.14 2.97
#